data_3TI8
#
_entry.id   3TI8
#
_cell.length_a   112.563
_cell.length_b   112.563
_cell.length_c   66.809
_cell.angle_alpha   90.00
_cell.angle_beta   90.00
_cell.angle_gamma   90.00
#
_symmetry.space_group_name_H-M   'P 4'
#
loop_
_entity.id
_entity.type
_entity.pdbx_description
1 polymer Neuraminidase
2 branched 2-acetamido-2-deoxy-beta-D-glucopyranose-(1-4)-2-acetamido-2-deoxy-beta-D-glucopyranose
3 non-polymer 'CALCIUM ION'
4 non-polymer 2-acetamido-2-deoxy-beta-D-glucopyranose
5 non-polymer '5-acetamido-2,6-anhydro-4-carbamimidamido-3,4,5-trideoxy-7-O-methyl-D-glycero-D-galacto-non-2-enonic acid'
6 water water
#
_entity_poly.entity_id   1
_entity_poly.type   'polypeptide(L)'
_entity_poly.pdbx_seq_one_letter_code
;PEFLNNTEPLCNVSGFAIVSKDNGIRIGSRGHVFVIREPFVACGPTECRTFFLTQGALLNDKHSNNTVKDRSPYRALMSV
PLGSSPNAYQAKFESVAWSATACHDGKKWLAVGISGADDDAYAVIHYGGMPTDVVRSWRKQILRTQESSCVCMNGNCYWV
MTDGPANSQASYKIFKSHEGMVTNEREVSFQGGHIEECSCYPNLGKVECVCRDNWNGMNRPILIFDEDLDYEVGYLCAGI
PTDTPRVQDSSFTGSCTNAVGGSGTNNYGVKGFGFRQGNSVWAGRTVSISSRSGFEILLIEDGWIRTSKTIVKKVEVLNN
KNWSGYSGAFTIPITMTSKQCLVPCFWLEMIRGKPEERTSIWTSSSSTVFCGVSSEVPGWSWDDGAILPFDIDKM
;
_entity_poly.pdbx_strand_id   A,B
#
# COMPACT_ATOMS: atom_id res chain seq x y z
N PRO A 1 20.05 20.39 -9.49
CA PRO A 1 19.81 19.10 -8.85
C PRO A 1 18.44 18.53 -9.23
N GLU A 2 18.41 17.25 -9.58
CA GLU A 2 17.16 16.58 -9.92
C GLU A 2 16.99 15.35 -9.04
N PHE A 3 15.74 14.91 -8.88
CA PHE A 3 15.50 13.69 -8.11
C PHE A 3 16.08 12.51 -8.84
N LEU A 4 16.66 11.58 -8.09
CA LEU A 4 17.13 10.32 -8.63
C LEU A 4 15.95 9.42 -8.96
N ASN A 5 15.93 8.88 -10.18
CA ASN A 5 14.89 7.92 -10.54
C ASN A 5 14.94 6.67 -9.68
N ASN A 6 16.07 5.97 -9.72
CA ASN A 6 16.27 4.77 -8.92
C ASN A 6 15.23 3.69 -9.22
N THR A 7 14.78 3.64 -10.47
CA THR A 7 13.76 2.67 -10.88
C THR A 7 14.36 1.57 -11.74
N GLU A 8 15.69 1.57 -11.87
CA GLU A 8 16.39 0.58 -12.65
C GLU A 8 16.36 -0.78 -11.96
N PRO A 9 16.59 -1.86 -12.72
CA PRO A 9 16.71 -3.18 -12.09
C PRO A 9 17.97 -3.26 -11.24
N LEU A 10 17.96 -4.10 -10.22
CA LEU A 10 19.16 -4.39 -9.46
C LEU A 10 20.11 -5.20 -10.33
N CYS A 11 21.41 -4.87 -10.29
CA CYS A 11 22.40 -5.65 -11.02
C CYS A 11 22.46 -7.09 -10.53
N ASN A 12 22.67 -8.02 -11.46
CA ASN A 12 23.07 -9.36 -11.08
C ASN A 12 24.58 -9.39 -10.88
N VAL A 13 25.03 -9.88 -9.73
CA VAL A 13 26.45 -9.89 -9.41
C VAL A 13 26.93 -11.30 -9.08
N SER A 14 28.20 -11.57 -9.35
CA SER A 14 28.77 -12.89 -9.13
C SER A 14 29.75 -12.91 -7.96
N GLY A 15 30.03 -11.73 -7.41
CA GLY A 15 30.95 -11.63 -6.29
C GLY A 15 30.86 -10.28 -5.60
N PHE A 16 31.53 -10.17 -4.46
CA PHE A 16 31.53 -8.93 -3.69
C PHE A 16 32.95 -8.52 -3.35
N ALA A 17 33.30 -7.30 -3.74
CA ALA A 17 34.65 -6.78 -3.54
C ALA A 17 34.65 -5.78 -2.40
N ILE A 18 35.68 -5.81 -1.57
CA ILE A 18 35.74 -4.89 -0.45
C ILE A 18 35.97 -3.45 -0.92
N VAL A 19 35.19 -2.53 -0.38
CA VAL A 19 35.23 -1.13 -0.80
C VAL A 19 35.85 -0.26 0.27
N SER A 20 35.58 -0.57 1.53
CA SER A 20 36.14 0.23 2.61
C SER A 20 36.23 -0.51 3.94
N LYS A 21 37.10 -0.02 4.80
CA LYS A 21 37.22 -0.49 6.17
C LYS A 21 37.67 0.69 6.99
N ASP A 22 36.93 1.01 8.05
CA ASP A 22 37.21 2.25 8.77
C ASP A 22 38.19 2.12 9.94
N ASN A 23 38.41 0.90 10.44
CA ASN A 23 39.37 0.68 11.51
C ASN A 23 39.15 1.62 12.70
N GLY A 24 37.89 1.98 12.93
CA GLY A 24 37.57 3.03 13.89
C GLY A 24 37.98 2.75 15.32
N ILE A 25 37.88 1.49 15.75
CA ILE A 25 38.21 1.16 17.13
C ILE A 25 39.73 1.13 17.34
N ARG A 26 40.45 0.56 16.37
CA ARG A 26 41.91 0.62 16.40
C ARG A 26 42.38 2.07 16.51
N ILE A 27 41.82 2.93 15.66
CA ILE A 27 42.20 4.34 15.65
C ILE A 27 41.83 4.98 16.98
N GLY A 28 40.65 4.62 17.49
CA GLY A 28 40.10 5.19 18.72
C GLY A 28 40.84 4.78 19.98
N SER A 29 41.82 3.91 19.85
CA SER A 29 42.67 3.57 20.98
C SER A 29 43.45 4.82 21.42
N ARG A 30 43.71 5.71 20.46
CA ARG A 30 44.44 6.94 20.75
C ARG A 30 43.74 8.19 20.21
N GLY A 31 43.15 8.07 19.03
CA GLY A 31 42.42 9.18 18.42
C GLY A 31 41.10 9.42 19.10
N HIS A 32 40.42 10.48 18.69
CA HIS A 32 39.15 10.86 19.28
C HIS A 32 38.02 10.37 18.40
N VAL A 33 37.49 9.21 18.77
CA VAL A 33 36.51 8.49 17.96
C VAL A 33 35.30 8.18 18.80
N PHE A 34 34.11 8.42 18.25
CA PHE A 34 32.89 8.13 18.99
C PHE A 34 32.74 6.65 19.30
N VAL A 35 32.22 6.36 20.49
CA VAL A 35 31.64 5.06 20.74
C VAL A 35 30.35 5.02 19.93
N ILE A 36 30.16 3.96 19.17
CA ILE A 36 28.99 3.85 18.31
C ILE A 36 28.39 2.45 18.35
N ARG A 37 27.27 2.29 17.65
CA ARG A 37 26.85 0.98 17.13
C ARG A 37 25.85 1.27 16.03
N GLU A 38 25.33 0.21 15.41
CA GLU A 38 24.35 0.38 14.34
C GLU A 38 24.83 1.32 13.23
N PRO A 39 26.03 1.05 12.68
CA PRO A 39 26.47 1.83 11.52
C PRO A 39 25.70 1.41 10.27
N PHE A 40 25.65 2.28 9.27
CA PHE A 40 25.14 1.89 7.96
C PHE A 40 25.64 2.84 6.88
N VAL A 41 25.52 2.43 5.63
CA VAL A 41 25.97 3.26 4.51
C VAL A 41 24.79 3.66 3.63
N ALA A 42 24.82 4.89 3.14
CA ALA A 42 23.83 5.36 2.19
C ALA A 42 24.54 6.23 1.18
N CYS A 43 24.08 6.20 -0.07
CA CYS A 43 24.74 6.94 -1.13
C CYS A 43 23.86 8.03 -1.73
N GLY A 44 24.46 9.18 -2.01
CA GLY A 44 23.81 10.22 -2.76
C GLY A 44 24.35 10.22 -4.18
N PRO A 45 23.98 11.24 -4.98
CA PRO A 45 24.41 11.31 -6.37
C PRO A 45 25.93 11.27 -6.54
N THR A 46 26.66 11.82 -5.57
CA THR A 46 28.09 12.06 -5.75
C THR A 46 28.99 11.48 -4.65
N GLU A 47 28.41 11.00 -3.56
CA GLU A 47 29.21 10.41 -2.51
C GLU A 47 28.42 9.43 -1.67
N CYS A 48 29.11 8.44 -1.12
CA CYS A 48 28.51 7.57 -0.11
C CYS A 48 29.02 7.98 1.26
N ARG A 49 28.17 7.84 2.27
CA ARG A 49 28.52 8.23 3.63
C ARG A 49 28.21 7.09 4.59
N THR A 50 29.02 6.98 5.64
CA THR A 50 28.72 6.06 6.73
C THR A 50 27.98 6.80 7.83
N PHE A 51 26.78 6.31 8.14
CA PHE A 51 25.99 6.82 9.25
C PHE A 51 26.19 5.93 10.45
N PHE A 52 25.93 6.45 11.64
CA PHE A 52 26.10 5.66 12.86
C PHE A 52 25.36 6.29 14.03
N LEU A 53 25.02 5.48 15.01
CA LEU A 53 24.44 5.98 16.25
C LEU A 53 25.54 6.08 17.30
N THR A 54 25.92 7.30 17.65
CA THR A 54 26.89 7.49 18.71
C THR A 54 26.26 7.18 20.05
N GLN A 55 27.11 7.07 21.06
CA GLN A 55 26.66 7.05 22.45
C GLN A 55 26.96 8.39 23.11
N GLY A 56 27.21 9.42 22.31
CA GLY A 56 27.50 10.74 22.83
C GLY A 56 28.73 10.75 23.70
N ALA A 57 29.69 9.91 23.36
CA ALA A 57 30.90 9.70 24.17
C ALA A 57 32.01 9.17 23.27
N LEU A 58 33.25 9.33 23.71
CA LEU A 58 34.40 8.87 22.93
C LEU A 58 35.01 7.59 23.49
N LEU A 59 35.63 6.80 22.61
CA LEU A 59 36.35 5.61 23.03
C LEU A 59 37.48 5.96 24.00
N ASN A 60 37.73 5.06 24.95
CA ASN A 60 38.78 5.23 25.94
C ASN A 60 38.54 6.38 26.92
N ASP A 61 37.28 6.83 26.99
CA ASP A 61 36.89 7.82 27.98
C ASP A 61 35.90 7.22 28.96
N LYS A 62 35.83 7.78 30.18
CA LYS A 62 34.94 7.24 31.20
C LYS A 62 33.47 7.24 30.78
N HIS A 63 33.08 8.17 29.90
CA HIS A 63 31.69 8.22 29.46
C HIS A 63 31.32 7.04 28.54
N SER A 64 32.31 6.23 28.18
CA SER A 64 32.03 5.02 27.41
C SER A 64 31.52 3.88 28.31
N ASN A 65 31.54 4.10 29.63
CA ASN A 65 31.02 3.11 30.56
C ASN A 65 29.55 2.79 30.27
N ASN A 66 29.21 1.51 30.29
CA ASN A 66 27.82 1.06 30.14
C ASN A 66 27.21 1.33 28.76
N THR A 67 28.05 1.41 27.73
CA THR A 67 27.54 1.70 26.39
C THR A 67 26.97 0.45 25.69
N VAL A 68 26.89 -0.66 26.41
CA VAL A 68 26.16 -1.81 25.88
C VAL A 68 24.67 -1.45 25.80
N LYS A 69 24.27 -0.48 26.62
CA LYS A 69 22.88 -0.04 26.70
C LYS A 69 22.40 0.53 25.36
N ASP A 70 21.18 0.17 24.96
CA ASP A 70 20.67 0.51 23.64
C ASP A 70 20.17 1.93 23.44
N ARG A 71 19.55 2.50 24.47
CA ARG A 71 18.84 3.77 24.30
C ARG A 71 19.18 4.75 25.42
N SER A 72 19.43 6.00 25.05
CA SER A 72 19.71 7.07 26.01
C SER A 72 19.46 8.40 25.32
N PRO A 73 19.38 9.49 26.09
CA PRO A 73 19.20 10.83 25.51
C PRO A 73 20.47 11.34 24.85
N TYR A 74 21.58 10.61 24.99
CA TYR A 74 22.87 11.09 24.48
C TYR A 74 23.22 10.51 23.11
N ARG A 75 22.42 9.56 22.63
CA ARG A 75 22.71 8.97 21.33
C ARG A 75 22.27 9.88 20.19
N ALA A 76 23.11 9.97 19.16
CA ALA A 76 22.82 10.80 17.99
C ALA A 76 23.18 10.08 16.71
N LEU A 77 22.38 10.31 15.66
CA LEU A 77 22.75 9.87 14.33
C LEU A 77 23.73 10.87 13.75
N MET A 78 24.90 10.41 13.33
CA MET A 78 25.87 11.26 12.66
C MET A 78 26.41 10.54 11.44
N SER A 79 27.19 11.25 10.62
CA SER A 79 27.77 10.62 9.43
C SER A 79 29.18 11.13 9.14
N VAL A 80 29.94 10.30 8.43
CA VAL A 80 31.26 10.67 7.93
C VAL A 80 31.38 10.16 6.50
N PRO A 81 32.36 10.66 5.74
CA PRO A 81 32.59 10.10 4.41
C PRO A 81 32.90 8.61 4.51
N LEU A 82 32.49 7.84 3.51
CA LEU A 82 32.72 6.40 3.51
C LEU A 82 34.19 6.07 3.74
N GLY A 83 34.45 5.24 4.74
CA GLY A 83 35.81 4.81 5.02
C GLY A 83 36.47 5.53 6.18
N SER A 84 35.92 6.69 6.57
CA SER A 84 36.46 7.43 7.71
C SER A 84 36.03 6.80 9.03
N SER A 85 36.88 6.94 10.05
CA SER A 85 36.49 6.60 11.40
C SER A 85 35.35 7.53 11.81
N PRO A 86 34.48 7.08 12.71
CA PRO A 86 33.40 7.96 13.17
C PRO A 86 33.93 8.90 14.24
N ASN A 87 34.76 9.85 13.82
CA ASN A 87 35.54 10.62 14.77
C ASN A 87 34.93 11.97 15.16
N ALA A 88 35.47 12.55 16.22
CA ALA A 88 34.88 13.72 16.86
C ALA A 88 34.93 14.99 15.99
N TYR A 89 35.77 15.00 14.96
CA TYR A 89 36.02 16.24 14.24
C TYR A 89 35.51 16.22 12.79
N GLN A 90 35.30 15.03 12.24
CA GLN A 90 34.68 14.92 10.92
C GLN A 90 33.17 14.63 10.99
N ALA A 91 32.70 14.09 12.11
CA ALA A 91 31.32 13.65 12.21
C ALA A 91 30.35 14.79 11.94
N LYS A 92 29.39 14.53 11.05
CA LYS A 92 28.34 15.50 10.75
C LYS A 92 27.08 15.11 11.52
N PHE A 93 26.57 16.03 12.33
CA PHE A 93 25.36 15.74 13.08
C PHE A 93 24.14 15.65 12.16
N GLU A 94 23.36 14.57 12.30
CA GLU A 94 22.18 14.36 11.45
C GLU A 94 20.85 14.44 12.22
N SER A 95 20.79 13.81 13.39
CA SER A 95 19.56 13.77 14.17
C SER A 95 19.85 13.27 15.58
N VAL A 96 19.03 13.70 16.54
CA VAL A 96 19.06 13.01 17.82
C VAL A 96 18.43 11.65 17.54
N ALA A 97 19.02 10.57 18.05
CA ALA A 97 18.55 9.24 17.64
C ALA A 97 19.15 8.08 18.42
N TRP A 98 18.28 7.16 18.86
CA TRP A 98 18.73 5.83 19.28
C TRP A 98 18.24 4.74 18.32
N SER A 99 17.55 5.16 17.25
CA SER A 99 17.21 4.30 16.13
C SER A 99 17.02 5.20 14.92
N ALA A 100 17.44 4.75 13.75
CA ALA A 100 17.47 5.66 12.60
C ALA A 100 17.49 5.01 11.22
N THR A 101 17.23 5.84 10.22
CA THR A 101 17.41 5.49 8.82
C THR A 101 17.74 6.78 8.07
N ALA A 102 18.41 6.67 6.93
CA ALA A 102 18.76 7.84 6.13
C ALA A 102 18.97 7.44 4.69
N CYS A 103 18.76 8.39 3.78
CA CYS A 103 18.94 8.16 2.36
C CYS A 103 18.94 9.50 1.63
N HIS A 104 19.28 9.48 0.35
CA HIS A 104 19.38 10.70 -0.44
C HIS A 104 18.45 10.62 -1.64
N ASP A 105 17.64 11.64 -1.86
CA ASP A 105 16.64 11.58 -2.93
C ASP A 105 17.14 12.12 -4.27
N GLY A 106 18.40 12.53 -4.31
CA GLY A 106 18.97 13.14 -5.49
C GLY A 106 19.20 14.63 -5.31
N LYS A 107 18.37 15.25 -4.48
CA LYS A 107 18.51 16.66 -4.18
C LYS A 107 19.11 16.88 -2.78
N LYS A 108 18.56 16.21 -1.78
CA LYS A 108 19.01 16.40 -0.40
C LYS A 108 19.02 15.11 0.41
N TRP A 109 19.72 15.14 1.55
CA TRP A 109 19.73 14.04 2.49
C TRP A 109 18.47 14.02 3.33
N LEU A 110 17.89 12.83 3.48
CA LEU A 110 16.80 12.61 4.40
C LEU A 110 17.35 11.80 5.56
N ALA A 111 17.07 12.24 6.78
CA ALA A 111 17.47 11.48 7.96
C ALA A 111 16.29 11.38 8.92
N VAL A 112 16.02 10.16 9.38
CA VAL A 112 14.92 9.92 10.31
C VAL A 112 15.50 9.38 11.61
N GLY A 113 15.36 10.12 12.70
CA GLY A 113 15.93 9.70 13.97
C GLY A 113 14.91 9.66 15.09
N ILE A 114 14.88 8.54 15.80
CA ILE A 114 13.93 8.33 16.88
C ILE A 114 14.59 8.56 18.22
N SER A 115 13.97 9.40 19.05
CA SER A 115 14.42 9.57 20.43
C SER A 115 13.20 9.70 21.33
N GLY A 116 13.43 9.99 22.60
CA GLY A 116 12.34 10.05 23.58
C GLY A 116 12.26 8.80 24.45
N ALA A 117 11.27 8.78 25.34
CA ALA A 117 11.05 7.66 26.23
C ALA A 117 10.58 6.42 25.48
N ASP A 118 10.85 5.24 26.05
CA ASP A 118 10.42 3.99 25.44
C ASP A 118 8.92 3.96 25.19
N ASP A 119 8.15 4.58 26.09
CA ASP A 119 6.70 4.52 25.99
C ASP A 119 6.07 5.72 25.27
N ASP A 120 6.89 6.58 24.69
CA ASP A 120 6.35 7.74 23.97
C ASP A 120 7.43 8.36 23.09
N ALA A 121 8.09 7.51 22.31
CA ALA A 121 9.17 7.97 21.45
C ALA A 121 8.59 8.64 20.22
N TYR A 122 9.43 9.37 19.50
CA TYR A 122 9.01 9.94 18.23
C TYR A 122 10.17 10.11 17.27
N ALA A 123 9.89 9.88 16.00
CA ALA A 123 10.87 10.11 14.95
C ALA A 123 10.82 11.57 14.50
N VAL A 124 11.99 12.18 14.37
CA VAL A 124 12.09 13.48 13.75
C VAL A 124 12.68 13.29 12.36
N ILE A 125 12.00 13.84 11.36
CA ILE A 125 12.45 13.74 9.98
C ILE A 125 13.21 15.01 9.60
N HIS A 126 14.45 14.83 9.19
CA HIS A 126 15.32 15.93 8.81
C HIS A 126 15.52 15.87 7.31
N TYR A 127 15.33 16.99 6.62
CA TYR A 127 15.52 17.03 5.19
C TYR A 127 16.38 18.22 4.82
N GLY A 128 17.52 17.95 4.20
CA GLY A 128 18.49 18.99 3.91
C GLY A 128 18.95 19.66 5.19
N GLY A 129 18.94 18.89 6.28
CA GLY A 129 19.42 19.39 7.56
C GLY A 129 18.40 20.17 8.37
N MET A 130 17.19 20.28 7.84
CA MET A 130 16.11 21.00 8.53
C MET A 130 15.02 20.06 9.00
N PRO A 131 14.49 20.28 10.22
CA PRO A 131 13.40 19.41 10.67
C PRO A 131 12.13 19.70 9.88
N THR A 132 11.51 18.66 9.34
CA THR A 132 10.36 18.85 8.46
C THR A 132 9.06 18.23 8.98
N ASP A 133 9.18 17.10 9.67
CA ASP A 133 8.00 16.36 10.10
C ASP A 133 8.33 15.45 11.27
N VAL A 134 7.30 14.88 11.88
CA VAL A 134 7.49 13.95 13.00
C VAL A 134 6.58 12.75 12.84
N VAL A 135 7.03 11.59 13.32
CA VAL A 135 6.17 10.41 13.42
C VAL A 135 6.15 9.94 14.87
N ARG A 136 4.97 9.94 15.47
CA ARG A 136 4.85 9.52 16.86
C ARG A 136 4.67 8.02 16.98
N SER A 137 5.11 7.48 18.11
CA SER A 137 4.86 6.09 18.45
C SER A 137 3.36 5.84 18.49
N TRP A 138 2.89 4.82 17.77
CA TRP A 138 1.46 4.52 17.74
C TRP A 138 1.06 3.35 18.65
N ARG A 139 2.04 2.60 19.15
CA ARG A 139 1.79 1.53 20.12
C ARG A 139 2.46 1.78 21.47
N LYS A 140 3.24 2.86 21.54
CA LYS A 140 3.88 3.28 22.79
C LYS A 140 4.82 2.20 23.34
N GLN A 141 5.52 1.50 22.45
CA GLN A 141 6.42 0.43 22.86
C GLN A 141 7.67 0.40 21.99
N ILE A 142 8.59 1.32 22.26
CA ILE A 142 9.87 1.41 21.58
C ILE A 142 9.74 1.48 20.06
N LEU A 143 9.15 2.57 19.59
CA LEU A 143 9.14 2.88 18.17
C LEU A 143 10.56 2.72 17.64
N ARG A 144 10.71 2.01 16.54
CA ARG A 144 12.05 1.72 16.03
C ARG A 144 12.05 1.51 14.52
N THR A 145 13.22 1.65 13.91
CA THR A 145 13.29 1.59 12.45
C THR A 145 14.48 0.76 11.94
N GLN A 146 14.92 1.04 10.71
CA GLN A 146 15.77 0.10 9.97
C GLN A 146 17.22 -0.07 10.46
N GLU A 147 17.82 1.01 10.96
CA GLU A 147 19.27 1.04 11.18
C GLU A 147 20.04 0.74 9.88
N SER A 148 19.46 1.15 8.75
CA SER A 148 20.15 1.09 7.47
C SER A 148 19.50 2.08 6.51
N SER A 149 20.04 2.17 5.31
N SER A 149 20.04 2.17 5.31
CA SER A 149 19.56 3.14 4.34
CA SER A 149 19.56 3.13 4.33
C SER A 149 18.10 2.95 3.95
C SER A 149 18.08 2.95 3.99
N CYS A 150 17.37 4.06 3.86
CA CYS A 150 16.02 4.01 3.33
C CYS A 150 16.14 4.01 1.80
N VAL A 151 15.01 4.05 1.10
CA VAL A 151 15.02 3.97 -0.36
C VAL A 151 14.26 5.13 -0.97
N CYS A 152 14.90 5.84 -1.91
CA CYS A 152 14.25 6.94 -2.61
C CYS A 152 14.09 6.59 -4.10
N MET A 153 12.90 6.84 -4.63
CA MET A 153 12.65 6.67 -6.05
C MET A 153 11.76 7.81 -6.54
N ASN A 154 12.18 8.47 -7.61
CA ASN A 154 11.38 9.53 -8.22
C ASN A 154 10.97 10.63 -7.25
N GLY A 155 11.81 10.94 -6.27
CA GLY A 155 11.53 12.02 -5.34
C GLY A 155 10.77 11.61 -4.10
N ASN A 156 10.42 10.34 -4.00
CA ASN A 156 9.75 9.82 -2.81
C ASN A 156 10.69 8.89 -2.05
N CYS A 157 10.68 8.99 -0.73
CA CYS A 157 11.56 8.15 0.08
C CYS A 157 10.73 7.29 1.02
N TYR A 158 11.14 6.03 1.18
CA TYR A 158 10.35 5.02 1.87
C TYR A 158 11.16 4.35 2.97
N TRP A 159 10.51 4.03 4.09
CA TRP A 159 11.16 3.27 5.13
C TRP A 159 10.15 2.49 5.96
N VAL A 160 10.64 1.52 6.74
CA VAL A 160 9.79 0.67 7.55
C VAL A 160 10.05 0.91 9.03
N MET A 161 8.97 0.95 9.82
CA MET A 161 9.10 1.11 11.27
C MET A 161 8.27 0.06 12.00
N THR A 162 8.66 -0.20 13.24
CA THR A 162 7.97 -1.16 14.09
C THR A 162 7.66 -0.53 15.44
N ASP A 163 6.56 -0.95 16.05
CA ASP A 163 6.19 -0.47 17.37
C ASP A 163 5.46 -1.62 18.05
N GLY A 164 5.88 -1.96 19.25
CA GLY A 164 5.30 -3.10 19.96
C GLY A 164 6.35 -4.01 20.56
N PRO A 165 5.91 -5.13 21.13
CA PRO A 165 6.80 -6.07 21.83
C PRO A 165 7.97 -6.58 20.99
N ALA A 166 9.05 -6.90 21.67
CA ALA A 166 10.26 -7.43 21.04
C ALA A 166 10.13 -8.93 20.77
N ASN A 167 9.32 -9.62 21.58
CA ASN A 167 9.24 -11.08 21.52
C ASN A 167 7.82 -11.62 21.35
N SER A 168 6.93 -10.81 20.78
CA SER A 168 5.58 -11.28 20.44
C SER A 168 5.03 -10.38 19.35
N GLN A 169 3.77 -10.61 18.97
CA GLN A 169 3.18 -9.84 17.88
C GLN A 169 3.33 -8.35 18.08
N ALA A 170 3.93 -7.68 17.10
CA ALA A 170 4.05 -6.23 17.12
C ALA A 170 3.32 -5.63 15.92
N SER A 171 3.53 -4.34 15.71
CA SER A 171 2.90 -3.61 14.61
C SER A 171 3.96 -3.07 13.66
N TYR A 172 3.72 -3.20 12.37
CA TYR A 172 4.71 -2.88 11.34
C TYR A 172 4.11 -1.93 10.32
N LYS A 173 4.81 -0.83 10.03
CA LYS A 173 4.29 0.17 9.11
C LYS A 173 5.31 0.60 8.06
N ILE A 174 4.82 0.82 6.85
CA ILE A 174 5.63 1.40 5.78
C ILE A 174 5.29 2.86 5.65
N PHE A 175 6.31 3.69 5.44
CA PHE A 175 6.13 5.14 5.30
C PHE A 175 6.62 5.64 3.96
N LYS A 176 5.91 6.63 3.42
CA LYS A 176 6.30 7.29 2.19
C LYS A 176 6.44 8.78 2.50
N SER A 177 7.48 9.41 1.96
CA SER A 177 7.71 10.83 2.20
C SER A 177 8.14 11.54 0.92
N HIS A 178 7.90 12.84 0.88
CA HIS A 178 8.37 13.70 -0.19
C HIS A 178 8.91 14.98 0.43
N GLU A 179 10.17 15.27 0.17
CA GLU A 179 10.83 16.45 0.74
C GLU A 179 10.66 16.51 2.26
N GLY A 180 10.76 15.36 2.91
CA GLY A 180 10.77 15.30 4.35
C GLY A 180 9.40 15.26 5.01
N MET A 181 8.34 15.32 4.20
CA MET A 181 6.98 15.25 4.72
C MET A 181 6.39 13.86 4.49
N VAL A 182 5.81 13.26 5.52
CA VAL A 182 5.14 11.97 5.34
C VAL A 182 3.89 12.18 4.48
N THR A 183 3.78 11.45 3.38
CA THR A 183 2.67 11.63 2.46
C THR A 183 1.76 10.41 2.37
N ASN A 184 2.24 9.28 2.89
CA ASN A 184 1.43 8.06 2.92
C ASN A 184 2.00 7.12 3.97
N GLU A 185 1.14 6.26 4.51
CA GLU A 185 1.59 5.22 5.42
C GLU A 185 0.66 4.02 5.30
N ARG A 186 1.19 2.84 5.59
CA ARG A 186 0.39 1.63 5.49
C ARG A 186 0.81 0.63 6.55
N GLU A 187 -0.16 0.11 7.31
CA GLU A 187 0.18 -0.95 8.24
C GLU A 187 0.22 -2.29 7.51
N VAL A 188 1.24 -3.07 7.84
CA VAL A 188 1.45 -4.38 7.23
C VAL A 188 0.84 -5.46 8.09
N SER A 189 -0.11 -6.21 7.53
CA SER A 189 -0.74 -7.32 8.25
C SER A 189 0.16 -8.56 8.16
N PHE A 190 0.63 -9.02 9.30
CA PHE A 190 1.61 -10.10 9.35
C PHE A 190 1.40 -10.89 10.63
N GLN A 191 0.24 -11.53 10.73
CA GLN A 191 -0.09 -12.28 11.94
C GLN A 191 0.81 -13.49 12.12
N GLY A 192 1.47 -13.56 13.27
CA GLY A 192 2.40 -14.64 13.54
C GLY A 192 3.81 -14.30 13.11
N GLY A 193 3.95 -13.19 12.40
CA GLY A 193 5.24 -12.73 11.92
C GLY A 193 5.78 -11.56 12.72
N HIS A 194 7.08 -11.33 12.61
CA HIS A 194 7.73 -10.26 13.34
C HIS A 194 8.72 -9.58 12.43
N ILE A 195 8.65 -8.26 12.32
CA ILE A 195 9.52 -7.50 11.44
C ILE A 195 10.26 -6.42 12.20
N GLU A 196 11.59 -6.42 12.08
CA GLU A 196 12.43 -5.36 12.63
C GLU A 196 13.62 -5.10 11.72
N GLU A 197 14.17 -3.90 11.82
CA GLU A 197 15.47 -3.60 11.23
C GLU A 197 15.59 -4.04 9.78
N CYS A 198 14.62 -3.63 8.96
CA CYS A 198 14.61 -4.04 7.56
C CYS A 198 15.79 -3.48 6.78
N SER A 199 16.40 -4.35 5.98
CA SER A 199 17.40 -3.93 5.01
C SER A 199 16.72 -3.89 3.65
N CYS A 200 16.56 -2.69 3.10
CA CYS A 200 15.77 -2.48 1.89
C CYS A 200 16.58 -1.88 0.77
N TYR A 201 16.18 -2.18 -0.46
CA TYR A 201 16.86 -1.64 -1.63
C TYR A 201 15.84 -1.54 -2.77
N PRO A 202 16.09 -0.65 -3.73
CA PRO A 202 15.23 -0.55 -4.91
C PRO A 202 15.53 -1.65 -5.92
N ASN A 203 14.50 -2.17 -6.58
CA ASN A 203 14.66 -3.16 -7.63
C ASN A 203 13.51 -3.03 -8.61
N LEU A 204 13.82 -2.47 -9.78
CA LEU A 204 12.83 -2.26 -10.83
C LEU A 204 11.59 -1.51 -10.33
N GLY A 205 11.82 -0.46 -9.53
CA GLY A 205 10.74 0.41 -9.11
C GLY A 205 9.97 -0.05 -7.89
N LYS A 206 10.33 -1.20 -7.34
CA LYS A 206 9.73 -1.66 -6.09
C LYS A 206 10.79 -1.65 -5.00
N VAL A 207 10.34 -1.61 -3.75
CA VAL A 207 11.26 -1.69 -2.63
C VAL A 207 11.23 -3.10 -2.10
N GLU A 208 12.40 -3.74 -2.05
CA GLU A 208 12.52 -5.09 -1.52
C GLU A 208 13.29 -5.04 -0.21
N CYS A 209 12.71 -5.64 0.82
CA CYS A 209 13.28 -5.62 2.16
C CYS A 209 13.50 -7.02 2.72
N VAL A 210 14.64 -7.20 3.38
CA VAL A 210 14.94 -8.42 4.11
C VAL A 210 15.15 -8.02 5.57
N CYS A 211 14.39 -8.64 6.48
CA CYS A 211 14.31 -8.10 7.84
C CYS A 211 14.72 -9.09 8.91
N ARG A 212 14.49 -8.71 10.16
CA ARG A 212 14.78 -9.53 11.32
C ARG A 212 13.47 -9.90 12.02
N ASP A 213 13.28 -11.20 12.27
CA ASP A 213 12.16 -11.66 13.08
C ASP A 213 12.72 -11.94 14.46
N ASN A 214 12.27 -11.21 15.48
CA ASN A 214 12.81 -11.36 16.82
C ASN A 214 11.91 -12.21 17.72
N TRP A 215 10.99 -12.94 17.08
CA TRP A 215 9.95 -13.69 17.77
C TRP A 215 10.13 -15.17 17.47
N ASN A 216 9.35 -15.71 16.53
CA ASN A 216 9.36 -17.15 16.25
C ASN A 216 10.15 -17.61 15.02
N GLY A 217 10.87 -16.71 14.37
CA GLY A 217 11.52 -17.07 13.11
C GLY A 217 13.03 -16.96 13.08
N MET A 218 13.69 -18.04 12.68
CA MET A 218 15.14 -18.01 12.43
C MET A 218 15.37 -17.80 10.93
N ASN A 219 14.27 -17.81 10.17
CA ASN A 219 14.30 -17.33 8.80
C ASN A 219 13.91 -15.85 8.76
N ARG A 220 14.32 -15.16 7.71
CA ARG A 220 14.14 -13.71 7.63
C ARG A 220 12.86 -13.31 6.88
N PRO A 221 12.07 -12.40 7.47
CA PRO A 221 10.92 -11.86 6.74
C PRO A 221 11.35 -11.16 5.46
N ILE A 222 10.51 -11.26 4.44
CA ILE A 222 10.68 -10.50 3.21
C ILE A 222 9.46 -9.61 3.05
N LEU A 223 9.70 -8.32 2.79
CA LEU A 223 8.63 -7.35 2.59
C LEU A 223 8.92 -6.63 1.29
N ILE A 224 7.97 -6.66 0.36
CA ILE A 224 8.11 -5.99 -0.92
C ILE A 224 6.93 -5.06 -1.14
N PHE A 225 7.19 -3.81 -1.49
CA PHE A 225 6.10 -2.86 -1.69
C PHE A 225 6.35 -1.90 -2.84
N ASP A 226 5.28 -1.27 -3.33
CA ASP A 226 5.38 -0.32 -4.43
C ASP A 226 5.07 1.10 -3.97
N GLU A 227 4.97 2.03 -4.93
CA GLU A 227 4.82 3.44 -4.59
C GLU A 227 3.51 3.73 -3.88
N ASP A 228 2.52 2.87 -4.06
CA ASP A 228 1.23 3.00 -3.40
C ASP A 228 1.25 2.41 -1.99
N LEU A 229 2.38 1.82 -1.62
CA LEU A 229 2.51 1.09 -0.36
C LEU A 229 1.69 -0.20 -0.35
N ASP A 230 1.31 -0.66 -1.53
CA ASP A 230 0.74 -1.99 -1.67
C ASP A 230 1.90 -2.97 -1.48
N TYR A 231 1.68 -4.03 -0.72
CA TYR A 231 2.80 -4.88 -0.29
C TYR A 231 2.54 -6.38 -0.38
N GLU A 232 3.62 -7.13 -0.40
CA GLU A 232 3.61 -8.57 -0.19
C GLU A 232 4.51 -8.83 1.00
N VAL A 233 4.08 -9.69 1.91
CA VAL A 233 4.91 -10.02 3.07
C VAL A 233 4.98 -11.54 3.27
N GLY A 234 6.13 -12.01 3.72
CA GLY A 234 6.35 -13.43 3.93
C GLY A 234 7.76 -13.65 4.48
N TYR A 235 8.33 -14.80 4.17
CA TYR A 235 9.69 -15.12 4.59
C TYR A 235 10.58 -15.50 3.41
N LEU A 236 11.89 -15.33 3.57
CA LEU A 236 12.82 -15.75 2.53
C LEU A 236 12.64 -17.26 2.35
N CYS A 237 12.24 -17.67 1.15
CA CYS A 237 11.86 -19.06 0.88
C CYS A 237 12.98 -20.07 1.16
N ALA A 238 14.21 -19.66 0.92
CA ALA A 238 15.35 -20.57 0.97
C ALA A 238 15.32 -21.54 2.15
N GLY A 239 15.70 -22.79 1.89
CA GLY A 239 15.85 -23.80 2.91
C GLY A 239 17.17 -23.67 3.65
N ILE A 240 17.70 -22.46 3.69
CA ILE A 240 18.91 -22.13 4.44
C ILE A 240 18.55 -20.96 5.35
N PRO A 241 18.62 -21.17 6.67
CA PRO A 241 18.27 -20.09 7.60
C PRO A 241 19.41 -19.07 7.71
N THR A 242 19.08 -17.79 7.82
CA THR A 242 20.13 -16.78 7.79
C THR A 242 20.09 -15.79 8.95
N ASP A 243 19.19 -16.00 9.90
CA ASP A 243 19.18 -15.20 11.12
C ASP A 243 20.19 -15.79 12.09
N THR A 244 20.42 -15.11 13.21
CA THR A 244 21.22 -15.64 14.31
C THR A 244 20.52 -15.22 15.59
N PRO A 245 20.20 -16.19 16.46
CA PRO A 245 20.52 -17.62 16.38
C PRO A 245 19.67 -18.41 15.38
N ARG A 246 20.18 -19.58 15.00
CA ARG A 246 19.52 -20.49 14.09
C ARG A 246 20.06 -21.89 14.35
N VAL A 247 19.55 -22.88 13.63
CA VAL A 247 20.09 -24.23 13.71
C VAL A 247 20.97 -24.51 12.49
N GLN A 248 21.69 -25.62 12.51
CA GLN A 248 22.46 -26.03 11.33
C GLN A 248 21.53 -26.23 10.14
N ASP A 249 22.04 -25.98 8.94
CA ASP A 249 21.24 -26.07 7.72
C ASP A 249 20.45 -27.36 7.59
N SER A 250 21.09 -28.49 7.91
CA SER A 250 20.46 -29.80 7.73
C SER A 250 19.30 -30.04 8.70
N SER A 251 19.15 -29.19 9.71
CA SER A 251 18.06 -29.33 10.66
C SER A 251 16.93 -28.35 10.35
N PHE A 252 17.05 -27.66 9.22
CA PHE A 252 16.11 -26.60 8.86
C PHE A 252 15.35 -26.93 7.57
N THR A 253 14.06 -26.67 7.58
CA THR A 253 13.23 -26.78 6.38
C THR A 253 12.63 -25.41 6.12
N GLY A 254 12.80 -24.91 4.90
CA GLY A 254 12.36 -23.57 4.55
C GLY A 254 10.86 -23.39 4.48
N SER A 255 10.43 -22.13 4.47
CA SER A 255 9.03 -21.78 4.23
C SER A 255 8.94 -20.37 3.65
N CYS A 256 8.11 -20.21 2.62
CA CYS A 256 7.89 -18.89 2.02
C CYS A 256 6.92 -18.06 2.84
N THR A 257 6.16 -18.73 3.72
CA THR A 257 5.02 -18.09 4.36
C THR A 257 5.08 -18.04 5.88
N ASN A 258 5.76 -19.01 6.49
CA ASN A 258 5.72 -19.13 7.94
C ASN A 258 7.06 -18.93 8.64
N ALA A 259 7.01 -18.30 9.81
CA ALA A 259 8.16 -18.24 10.69
C ALA A 259 8.55 -19.66 11.09
N VAL A 260 9.81 -20.00 10.87
CA VAL A 260 10.34 -21.30 11.25
C VAL A 260 11.33 -21.09 12.36
N GLY A 261 11.07 -21.69 13.52
CA GLY A 261 11.90 -21.44 14.69
C GLY A 261 12.04 -22.63 15.62
N GLY A 262 11.99 -22.36 16.92
CA GLY A 262 12.17 -23.40 17.92
C GLY A 262 13.63 -23.76 18.11
N SER A 263 13.87 -24.87 18.80
CA SER A 263 15.23 -25.37 19.01
C SER A 263 16.15 -24.30 19.59
N GLY A 264 15.61 -23.49 20.51
CA GLY A 264 16.40 -22.50 21.21
C GLY A 264 16.77 -21.27 20.41
N THR A 265 16.09 -21.07 19.28
CA THR A 265 16.37 -19.92 18.43
C THR A 265 15.36 -18.79 18.58
N ASN A 266 14.25 -19.04 19.29
CA ASN A 266 13.21 -18.02 19.43
C ASN A 266 13.65 -16.81 20.26
N ASN A 267 12.99 -15.68 20.02
CA ASN A 267 13.12 -14.50 20.88
C ASN A 267 14.43 -13.71 20.74
N TYR A 268 15.18 -13.95 19.68
CA TYR A 268 16.31 -13.09 19.37
C TYR A 268 16.54 -13.09 17.87
N GLY A 269 17.61 -12.45 17.44
CA GLY A 269 17.88 -12.30 16.02
C GLY A 269 18.99 -11.30 15.85
N VAL A 270 19.31 -10.99 14.60
CA VAL A 270 20.29 -9.96 14.29
C VAL A 270 19.89 -9.32 12.98
N LYS A 271 20.14 -8.01 12.84
CA LYS A 271 19.87 -7.35 11.56
C LYS A 271 20.74 -7.97 10.47
N GLY A 272 20.12 -8.27 9.32
CA GLY A 272 20.83 -8.85 8.20
C GLY A 272 20.23 -8.39 6.88
N PHE A 273 20.67 -9.01 5.78
CA PHE A 273 20.25 -8.56 4.47
C PHE A 273 20.22 -9.69 3.46
N GLY A 274 19.59 -9.40 2.32
CA GLY A 274 19.63 -10.28 1.17
C GLY A 274 19.33 -9.47 -0.08
N PHE A 275 19.80 -9.97 -1.23
CA PHE A 275 19.51 -9.33 -2.50
C PHE A 275 18.90 -10.35 -3.45
N ARG A 276 17.69 -10.06 -3.93
CA ARG A 276 17.09 -10.88 -4.98
C ARG A 276 17.96 -10.84 -6.23
N GLN A 277 18.14 -11.99 -6.85
CA GLN A 277 18.85 -12.10 -8.12
C GLN A 277 17.98 -12.93 -9.05
N GLY A 278 17.01 -12.28 -9.69
CA GLY A 278 16.02 -13.00 -10.46
C GLY A 278 15.21 -13.86 -9.51
N ASN A 279 15.37 -15.18 -9.61
CA ASN A 279 14.70 -16.10 -8.70
C ASN A 279 15.62 -16.54 -7.56
N SER A 280 16.91 -16.23 -7.69
CA SER A 280 17.89 -16.59 -6.68
C SER A 280 18.08 -15.47 -5.68
N VAL A 281 18.99 -15.65 -4.73
CA VAL A 281 19.23 -14.64 -3.70
C VAL A 281 20.64 -14.72 -3.14
N TRP A 282 21.26 -13.56 -2.97
CA TRP A 282 22.47 -13.45 -2.18
C TRP A 282 22.02 -13.13 -0.75
N ALA A 283 22.41 -13.95 0.21
CA ALA A 283 22.02 -13.71 1.59
C ALA A 283 23.23 -13.76 2.52
N GLY A 284 23.31 -12.79 3.44
CA GLY A 284 24.40 -12.78 4.39
C GLY A 284 24.02 -13.52 5.67
N ARG A 285 25.03 -14.00 6.39
CA ARG A 285 24.80 -14.55 7.73
C ARG A 285 26.10 -14.65 8.50
N THR A 286 25.99 -14.66 9.83
CA THR A 286 27.14 -14.93 10.67
C THR A 286 27.57 -16.36 10.41
N VAL A 287 28.85 -16.66 10.61
CA VAL A 287 29.31 -18.03 10.45
C VAL A 287 28.78 -18.90 11.59
N SER A 288 28.87 -18.39 12.81
CA SER A 288 28.30 -19.08 13.97
C SER A 288 26.77 -19.12 13.89
N ILE A 289 26.18 -20.23 14.28
CA ILE A 289 24.73 -20.32 14.31
C ILE A 289 24.16 -19.74 15.61
N SER A 290 25.03 -19.48 16.59
CA SER A 290 24.56 -19.11 17.92
C SER A 290 25.03 -17.73 18.39
N SER A 291 26.13 -17.24 17.82
CA SER A 291 26.69 -15.97 18.25
C SER A 291 26.99 -15.07 17.06
N ARG A 292 27.20 -13.79 17.34
CA ARG A 292 27.51 -12.83 16.28
C ARG A 292 29.01 -12.87 15.99
N SER A 293 29.44 -13.95 15.35
CA SER A 293 30.85 -14.11 14.98
C SER A 293 30.95 -14.63 13.55
N GLY A 294 31.96 -14.14 12.83
CA GLY A 294 32.17 -14.49 11.44
C GLY A 294 31.13 -13.86 10.53
N PHE A 295 31.41 -13.84 9.24
CA PHE A 295 30.40 -13.41 8.28
C PHE A 295 30.66 -13.98 6.89
N GLU A 296 29.59 -14.48 6.27
CA GLU A 296 29.68 -15.07 4.95
C GLU A 296 28.48 -14.65 4.13
N ILE A 297 28.61 -14.69 2.81
CA ILE A 297 27.47 -14.39 1.95
C ILE A 297 27.26 -15.56 1.01
N LEU A 298 26.01 -15.97 0.85
CA LEU A 298 25.68 -17.17 0.10
C LEU A 298 24.79 -16.83 -1.09
N LEU A 299 25.09 -17.41 -2.24
CA LEU A 299 24.18 -17.33 -3.38
C LEU A 299 23.38 -18.62 -3.43
N ILE A 300 22.08 -18.51 -3.18
CA ILE A 300 21.19 -19.66 -3.11
C ILE A 300 20.32 -19.74 -4.36
N GLU A 301 20.50 -20.81 -5.13
CA GLU A 301 19.79 -20.99 -6.38
C GLU A 301 18.28 -21.07 -6.15
N ASP A 302 17.53 -20.18 -6.80
CA ASP A 302 16.09 -20.11 -6.66
C ASP A 302 15.62 -19.86 -5.22
N GLY A 303 16.52 -19.36 -4.38
CA GLY A 303 16.22 -19.16 -2.97
C GLY A 303 15.19 -18.09 -2.65
N TRP A 304 14.86 -17.24 -3.62
CA TRP A 304 13.84 -16.23 -3.43
C TRP A 304 12.44 -16.80 -3.61
N ILE A 305 12.32 -17.86 -4.40
CA ILE A 305 11.00 -18.38 -4.79
C ILE A 305 10.66 -19.77 -4.29
N ARG A 306 11.66 -20.53 -3.85
CA ARG A 306 11.39 -21.86 -3.30
C ARG A 306 12.36 -22.26 -2.20
N THR A 307 12.03 -23.34 -1.50
CA THR A 307 12.78 -23.76 -0.31
C THR A 307 14.09 -24.46 -0.64
N SER A 308 14.83 -23.88 -1.58
CA SER A 308 16.07 -24.45 -2.08
C SER A 308 17.18 -24.49 -1.04
N LYS A 309 17.97 -25.56 -1.07
CA LYS A 309 19.15 -25.67 -0.22
C LYS A 309 20.41 -25.65 -1.07
N THR A 310 20.25 -25.31 -2.35
CA THR A 310 21.36 -25.33 -3.30
C THR A 310 22.21 -24.06 -3.19
N ILE A 311 23.38 -24.19 -2.60
CA ILE A 311 24.29 -23.05 -2.47
C ILE A 311 25.28 -23.02 -3.65
N VAL A 312 25.12 -22.03 -4.51
CA VAL A 312 25.90 -21.91 -5.74
C VAL A 312 27.26 -21.28 -5.48
N LYS A 313 27.29 -20.28 -4.61
CA LYS A 313 28.53 -19.60 -4.25
C LYS A 313 28.50 -19.28 -2.77
N LYS A 314 29.68 -19.26 -2.15
CA LYS A 314 29.80 -18.84 -0.77
C LYS A 314 31.11 -18.11 -0.62
N VAL A 315 31.05 -16.91 -0.04
CA VAL A 315 32.26 -16.12 0.19
C VAL A 315 32.29 -15.67 1.64
N GLU A 316 33.40 -15.91 2.30
CA GLU A 316 33.56 -15.48 3.69
C GLU A 316 34.38 -14.19 3.71
N VAL A 317 33.88 -13.18 4.42
CA VAL A 317 34.61 -11.92 4.55
C VAL A 317 35.09 -11.66 5.98
N LEU A 318 34.75 -12.57 6.88
CA LEU A 318 35.19 -12.51 8.27
C LEU A 318 35.14 -13.91 8.85
N ASN A 319 36.28 -14.41 9.34
CA ASN A 319 36.29 -15.75 9.88
C ASN A 319 35.61 -15.85 11.24
N ASN A 320 35.29 -17.08 11.64
CA ASN A 320 34.50 -17.32 12.84
C ASN A 320 35.27 -17.15 14.15
N LYS A 321 36.52 -16.70 14.04
CA LYS A 321 37.29 -16.38 15.24
C LYS A 321 37.20 -14.89 15.57
N ASN A 322 36.38 -14.18 14.81
CA ASN A 322 36.25 -12.73 14.99
C ASN A 322 34.81 -12.26 15.07
N TRP A 323 34.57 -11.18 15.82
CA TRP A 323 33.21 -10.73 16.10
C TRP A 323 32.60 -9.96 14.95
N SER A 324 31.35 -10.29 14.65
CA SER A 324 30.59 -9.55 13.65
C SER A 324 29.48 -8.78 14.34
N GLY A 325 28.27 -8.83 13.78
CA GLY A 325 27.19 -7.99 14.25
C GLY A 325 26.18 -7.77 13.16
N TYR A 326 25.59 -6.58 13.13
CA TYR A 326 24.62 -6.21 12.11
C TYR A 326 25.22 -6.21 10.70
N SER A 327 24.37 -6.40 9.70
CA SER A 327 24.77 -6.17 8.32
C SER A 327 23.57 -5.58 7.59
N GLY A 328 23.81 -4.85 6.51
CA GLY A 328 22.72 -4.18 5.83
C GLY A 328 23.00 -3.88 4.36
N ALA A 329 21.94 -3.58 3.64
CA ALA A 329 21.99 -3.40 2.19
C ALA A 329 21.89 -1.93 1.79
N PHE A 330 22.56 -1.58 0.70
CA PHE A 330 22.35 -0.31 0.02
C PHE A 330 22.69 -0.49 -1.45
N THR A 331 22.40 0.54 -2.26
CA THR A 331 22.72 0.49 -3.67
C THR A 331 23.48 1.73 -4.10
N ILE A 332 24.23 1.61 -5.18
CA ILE A 332 24.90 2.75 -5.78
C ILE A 332 24.09 3.21 -6.98
N PRO A 333 23.73 4.50 -7.00
CA PRO A 333 22.91 5.07 -8.07
C PRO A 333 23.64 5.17 -9.40
N ILE A 334 22.87 5.25 -10.48
CA ILE A 334 23.41 5.31 -11.84
C ILE A 334 24.33 6.50 -12.06
N THR A 335 24.13 7.56 -11.29
CA THR A 335 24.90 8.78 -11.45
C THR A 335 26.37 8.61 -11.09
N MET A 336 26.70 7.53 -10.38
CA MET A 336 28.08 7.28 -9.97
C MET A 336 28.71 6.17 -10.80
N THR A 337 27.88 5.36 -11.45
CA THR A 337 28.36 4.15 -12.10
C THR A 337 28.25 4.20 -13.63
N SER A 338 27.36 5.05 -14.13
CA SER A 338 27.08 5.10 -15.55
C SER A 338 26.50 3.79 -16.07
N LYS A 339 26.05 2.93 -15.16
CA LYS A 339 25.46 1.64 -15.54
C LYS A 339 23.96 1.77 -15.82
N GLN A 340 23.35 0.66 -16.23
CA GLN A 340 21.91 0.64 -16.49
C GLN A 340 21.17 -0.10 -15.39
N CYS A 341 21.93 -0.55 -14.38
CA CYS A 341 21.35 -1.26 -13.25
C CYS A 341 21.94 -0.73 -11.94
N LEU A 342 21.27 -1.02 -10.85
CA LEU A 342 21.69 -0.53 -9.53
C LEU A 342 22.63 -1.54 -8.88
N VAL A 343 23.80 -1.08 -8.46
CA VAL A 343 24.79 -1.97 -7.87
C VAL A 343 24.46 -2.29 -6.41
N PRO A 344 24.28 -3.58 -6.08
CA PRO A 344 24.01 -3.98 -4.70
C PRO A 344 25.28 -3.97 -3.86
N CYS A 345 25.22 -3.36 -2.69
CA CYS A 345 26.35 -3.34 -1.75
C CYS A 345 25.86 -3.70 -0.36
N PHE A 346 26.77 -4.18 0.48
CA PHE A 346 26.42 -4.39 1.87
C PHE A 346 27.51 -3.91 2.80
N TRP A 347 27.15 -3.60 4.04
CA TRP A 347 28.13 -3.28 5.06
C TRP A 347 28.02 -4.31 6.18
N LEU A 348 29.09 -4.43 6.93
CA LEU A 348 29.18 -5.35 8.05
C LEU A 348 29.65 -4.62 9.29
N GLU A 349 28.89 -4.75 10.38
CA GLU A 349 29.26 -4.20 11.67
C GLU A 349 30.01 -5.25 12.47
N MET A 350 31.14 -4.86 13.05
CA MET A 350 31.93 -5.74 13.88
C MET A 350 31.98 -5.20 15.31
N ILE A 351 31.23 -5.83 16.19
CA ILE A 351 31.04 -5.34 17.55
C ILE A 351 32.15 -5.78 18.48
N ARG A 352 32.70 -4.83 19.25
CA ARG A 352 33.70 -5.14 20.26
C ARG A 352 33.21 -4.71 21.64
N GLY A 353 33.66 -5.41 22.67
CA GLY A 353 33.24 -5.10 24.03
C GLY A 353 32.10 -6.00 24.48
N LYS A 354 31.23 -5.47 25.34
CA LYS A 354 30.12 -6.25 25.86
C LYS A 354 29.11 -6.58 24.76
N PRO A 355 28.42 -7.73 24.90
CA PRO A 355 28.53 -8.66 26.02
C PRO A 355 29.58 -9.76 25.86
N GLU A 356 30.14 -9.93 24.67
CA GLU A 356 31.05 -11.06 24.44
C GLU A 356 32.40 -10.89 25.13
N GLU A 357 32.83 -9.64 25.26
CA GLU A 357 34.13 -9.35 25.86
C GLU A 357 33.90 -8.63 27.18
N ARG A 358 33.72 -9.42 28.23
CA ARG A 358 33.24 -8.92 29.51
C ARG A 358 34.22 -8.03 30.26
N THR A 359 35.50 -8.12 29.89
CA THR A 359 36.53 -7.36 30.57
C THR A 359 36.60 -5.91 30.08
N SER A 360 35.74 -5.55 29.13
CA SER A 360 35.63 -4.16 28.70
C SER A 360 34.36 -3.55 29.27
N ILE A 361 34.41 -2.27 29.63
CA ILE A 361 33.26 -1.61 30.23
C ILE A 361 32.33 -1.06 29.17
N TRP A 362 32.76 -1.14 27.91
CA TRP A 362 32.08 -0.45 26.81
C TRP A 362 31.67 -1.40 25.70
N THR A 363 30.89 -0.87 24.76
CA THR A 363 30.53 -1.59 23.54
C THR A 363 30.62 -0.60 22.39
N SER A 364 31.32 -0.97 21.32
CA SER A 364 31.32 -0.17 20.11
C SER A 364 31.44 -1.10 18.91
N SER A 365 31.51 -0.54 17.71
CA SER A 365 31.73 -1.38 16.54
C SER A 365 32.50 -0.61 15.47
N SER A 366 33.08 -1.36 14.52
CA SER A 366 33.65 -0.76 13.32
C SER A 366 33.03 -1.47 12.14
N SER A 367 33.41 -1.07 10.93
CA SER A 367 32.72 -1.63 9.77
C SER A 367 33.63 -1.99 8.60
N THR A 368 33.12 -2.89 7.78
CA THR A 368 33.66 -3.12 6.44
C THR A 368 32.50 -2.99 5.46
N VAL A 369 32.81 -2.67 4.21
CA VAL A 369 31.80 -2.43 3.20
C VAL A 369 32.23 -3.14 1.91
N PHE A 370 31.27 -3.77 1.24
CA PHE A 370 31.53 -4.58 0.05
C PHE A 370 30.50 -4.26 -1.02
N CYS A 371 30.92 -4.27 -2.28
CA CYS A 371 29.98 -4.03 -3.37
C CYS A 371 30.02 -5.14 -4.41
N GLY A 372 28.87 -5.42 -5.00
CA GLY A 372 28.75 -6.47 -6.00
C GLY A 372 29.44 -6.14 -7.30
N VAL A 373 30.10 -7.14 -7.87
CA VAL A 373 30.76 -7.00 -9.16
C VAL A 373 30.40 -8.17 -10.06
N SER A 374 30.72 -8.06 -11.34
CA SER A 374 30.25 -9.01 -12.34
C SER A 374 31.07 -10.30 -12.42
N SER A 375 32.06 -10.43 -11.54
CA SER A 375 32.91 -11.62 -11.52
C SER A 375 33.10 -12.14 -10.11
N GLU A 376 33.57 -13.37 -9.99
CA GLU A 376 33.84 -13.94 -8.68
C GLU A 376 35.04 -13.25 -8.02
N VAL A 377 34.95 -13.04 -6.72
CA VAL A 377 35.99 -12.36 -5.96
C VAL A 377 36.32 -13.23 -4.74
N PRO A 378 37.61 -13.41 -4.46
CA PRO A 378 38.02 -14.20 -3.30
C PRO A 378 37.59 -13.54 -2.00
N GLY A 379 37.40 -14.33 -0.95
CA GLY A 379 37.16 -13.78 0.37
C GLY A 379 38.46 -13.60 1.13
N TRP A 380 38.35 -13.11 2.35
CA TRP A 380 39.45 -13.04 3.29
C TRP A 380 38.81 -12.82 4.64
N SER A 381 39.57 -12.37 5.61
CA SER A 381 39.00 -12.00 6.90
C SER A 381 39.49 -10.61 7.30
N TRP A 382 38.62 -9.63 7.11
CA TRP A 382 38.95 -8.25 7.47
C TRP A 382 38.29 -7.94 8.81
N ASP A 383 38.96 -8.32 9.90
CA ASP A 383 38.39 -8.18 11.22
C ASP A 383 38.58 -6.78 11.79
N ASP A 384 37.85 -6.47 12.85
CA ASP A 384 37.93 -5.16 13.48
C ASP A 384 39.40 -4.81 13.77
N GLY A 385 40.10 -5.72 14.44
CA GLY A 385 41.53 -5.59 14.61
C GLY A 385 42.01 -4.90 15.88
N ALA A 386 41.08 -4.40 16.69
CA ALA A 386 41.46 -3.73 17.93
C ALA A 386 41.92 -4.74 18.97
N ILE A 387 42.89 -4.33 19.78
CA ILE A 387 43.43 -5.16 20.85
C ILE A 387 42.82 -4.74 22.17
N LEU A 388 41.95 -5.59 22.71
CA LEU A 388 41.27 -5.32 23.96
C LEU A 388 41.91 -6.15 25.07
N PRO A 389 41.78 -5.71 26.33
CA PRO A 389 41.04 -4.50 26.75
C PRO A 389 41.78 -3.21 26.42
N PHE A 390 41.07 -2.10 26.51
CA PHE A 390 41.62 -0.75 26.29
C PHE A 390 42.07 -0.13 27.61
N ASP A 391 42.77 1.00 27.53
CA ASP A 391 43.25 1.71 28.73
C ASP A 391 42.15 1.94 29.76
N ILE A 392 40.99 2.38 29.28
CA ILE A 392 39.89 2.75 30.17
C ILE A 392 39.33 1.55 30.92
N ASP A 393 39.60 0.35 30.42
CA ASP A 393 39.13 -0.88 31.05
C ASP A 393 39.99 -1.32 32.23
N LYS A 394 41.17 -0.73 32.36
CA LYS A 394 42.10 -1.11 33.41
C LYS A 394 42.06 -0.14 34.57
N PRO B 1 -36.64 -4.89 -31.83
CA PRO B 1 -35.75 -4.25 -30.85
C PRO B 1 -35.01 -3.06 -31.45
N GLU B 2 -35.07 -1.92 -30.77
CA GLU B 2 -34.39 -0.71 -31.24
C GLU B 2 -33.43 -0.20 -30.17
N PHE B 3 -32.44 0.60 -30.59
CA PHE B 3 -31.54 1.23 -29.63
C PHE B 3 -32.33 2.26 -28.81
N LEU B 4 -32.01 2.35 -27.52
CA LEU B 4 -32.58 3.36 -26.65
C LEU B 4 -31.94 4.72 -26.95
N ASN B 5 -32.77 5.73 -27.19
CA ASN B 5 -32.24 7.08 -27.34
C ASN B 5 -31.49 7.51 -26.09
N ASN B 6 -32.19 7.52 -24.95
CA ASN B 6 -31.60 7.94 -23.69
C ASN B 6 -31.01 9.34 -23.75
N THR B 7 -31.62 10.21 -24.56
CA THR B 7 -31.13 11.57 -24.71
C THR B 7 -32.02 12.58 -23.98
N GLU B 8 -32.98 12.06 -23.23
CA GLU B 8 -33.91 12.89 -22.48
C GLU B 8 -33.23 13.57 -21.29
N PRO B 9 -33.85 14.65 -20.78
CA PRO B 9 -33.33 15.26 -19.56
C PRO B 9 -33.51 14.34 -18.36
N LEU B 10 -32.61 14.43 -17.39
CA LEU B 10 -32.81 13.74 -16.12
C LEU B 10 -33.97 14.40 -15.39
N CYS B 11 -34.81 13.59 -14.75
CA CYS B 11 -35.92 14.12 -13.99
C CYS B 11 -35.43 14.89 -12.79
N ASN B 12 -36.15 15.95 -12.44
CA ASN B 12 -35.98 16.59 -11.14
C ASN B 12 -36.80 15.82 -10.12
N VAL B 13 -36.18 15.46 -9.01
CA VAL B 13 -36.86 14.67 -7.99
C VAL B 13 -36.75 15.32 -6.61
N SER B 14 -37.76 15.11 -5.78
CA SER B 14 -37.81 15.74 -4.46
C SER B 14 -37.60 14.74 -3.33
N GLY B 15 -37.48 13.47 -3.68
CA GLY B 15 -37.30 12.43 -2.69
C GLY B 15 -36.90 11.12 -3.32
N PHE B 16 -36.51 10.17 -2.48
CA PHE B 16 -36.12 8.84 -2.97
C PHE B 16 -36.86 7.76 -2.21
N ALA B 17 -37.51 6.88 -2.96
CA ALA B 17 -38.30 5.81 -2.38
C ALA B 17 -37.57 4.48 -2.53
N ILE B 18 -37.67 3.63 -1.51
CA ILE B 18 -36.99 2.35 -1.59
C ILE B 18 -37.68 1.44 -2.61
N VAL B 19 -36.85 0.84 -3.47
CA VAL B 19 -37.33 -0.02 -4.54
C VAL B 19 -37.07 -1.49 -4.22
N SER B 20 -35.90 -1.78 -3.66
CA SER B 20 -35.58 -3.16 -3.33
C SER B 20 -34.56 -3.31 -2.21
N LYS B 21 -34.51 -4.50 -1.64
CA LYS B 21 -33.53 -4.86 -0.64
C LYS B 21 -33.34 -6.36 -0.78
N ASP B 22 -32.12 -6.82 -1.01
CA ASP B 22 -31.93 -8.22 -1.33
C ASP B 22 -31.70 -9.14 -0.13
N ASN B 23 -31.34 -8.56 1.02
CA ASN B 23 -31.12 -9.36 2.23
C ASN B 23 -30.20 -10.55 1.99
N GLY B 24 -29.23 -10.37 1.11
CA GLY B 24 -28.42 -11.49 0.63
C GLY B 24 -27.63 -12.19 1.72
N ILE B 25 -27.06 -11.42 2.64
CA ILE B 25 -26.21 -12.02 3.68
C ILE B 25 -27.05 -12.76 4.72
N ARG B 26 -28.17 -12.18 5.12
CA ARG B 26 -29.12 -12.87 6.00
C ARG B 26 -29.53 -14.21 5.38
N ILE B 27 -29.90 -14.18 4.11
CA ILE B 27 -30.31 -15.40 3.43
C ILE B 27 -29.17 -16.40 3.34
N GLY B 28 -27.96 -15.89 3.08
CA GLY B 28 -26.79 -16.73 2.92
C GLY B 28 -26.25 -17.36 4.20
N SER B 29 -26.88 -17.06 5.33
CA SER B 29 -26.54 -17.74 6.56
C SER B 29 -26.91 -19.22 6.44
N ARG B 30 -27.90 -19.52 5.61
CA ARG B 30 -28.34 -20.90 5.38
C ARG B 30 -28.43 -21.25 3.90
N GLY B 31 -28.89 -20.30 3.08
CA GLY B 31 -29.03 -20.55 1.67
C GLY B 31 -27.71 -20.49 0.94
N HIS B 32 -27.73 -20.76 -0.36
CA HIS B 32 -26.51 -20.80 -1.13
C HIS B 32 -26.36 -19.51 -1.91
N VAL B 33 -25.58 -18.60 -1.33
CA VAL B 33 -25.47 -17.23 -1.82
C VAL B 33 -23.99 -16.91 -1.99
N PHE B 34 -23.65 -16.32 -3.14
CA PHE B 34 -22.26 -15.94 -3.38
C PHE B 34 -21.77 -14.92 -2.37
N VAL B 35 -20.50 -15.08 -1.98
CA VAL B 35 -19.76 -13.99 -1.38
C VAL B 35 -19.52 -13.00 -2.51
N ILE B 36 -19.87 -11.73 -2.28
CA ILE B 36 -19.70 -10.72 -3.31
C ILE B 36 -19.10 -9.43 -2.75
N ARG B 37 -18.83 -8.49 -3.64
CA ARG B 37 -18.76 -7.08 -3.29
C ARG B 37 -18.97 -6.29 -4.59
N GLU B 38 -18.97 -4.97 -4.49
CA GLU B 38 -19.15 -4.11 -5.66
C GLU B 38 -20.43 -4.46 -6.46
N PRO B 39 -21.59 -4.47 -5.79
CA PRO B 39 -22.83 -4.69 -6.54
C PRO B 39 -23.20 -3.40 -7.27
N PHE B 40 -24.02 -3.50 -8.31
CA PHE B 40 -24.60 -2.32 -8.93
C PHE B 40 -25.84 -2.70 -9.72
N VAL B 41 -26.64 -1.71 -10.09
CA VAL B 41 -27.85 -1.96 -10.84
C VAL B 41 -27.78 -1.31 -12.21
N ALA B 42 -28.30 -1.99 -13.23
CA ALA B 42 -28.43 -1.42 -14.55
C ALA B 42 -29.78 -1.84 -15.12
N CYS B 43 -30.38 -0.98 -15.94
CA CYS B 43 -31.71 -1.25 -16.48
C CYS B 43 -31.71 -1.39 -17.98
N GLY B 44 -32.46 -2.37 -18.46
CA GLY B 44 -32.71 -2.53 -19.88
C GLY B 44 -34.08 -1.96 -20.19
N PRO B 45 -34.60 -2.24 -21.39
CA PRO B 45 -35.89 -1.72 -21.82
C PRO B 45 -37.05 -2.22 -20.95
N THR B 46 -36.91 -3.42 -20.39
CA THR B 46 -38.03 -4.09 -19.74
C THR B 46 -37.72 -4.63 -18.35
N GLU B 47 -36.46 -4.50 -17.92
CA GLU B 47 -36.06 -5.08 -16.66
C GLU B 47 -34.81 -4.39 -16.13
N CYS B 48 -34.72 -4.26 -14.80
CA CYS B 48 -33.49 -3.86 -14.16
C CYS B 48 -32.87 -5.08 -13.49
N ARG B 49 -31.55 -5.16 -13.52
CA ARG B 49 -30.85 -6.28 -12.91
C ARG B 49 -29.78 -5.80 -11.96
N THR B 50 -29.52 -6.59 -10.92
CA THR B 50 -28.39 -6.34 -10.02
C THR B 50 -27.19 -7.16 -10.47
N PHE B 51 -26.11 -6.44 -10.76
CA PHE B 51 -24.83 -7.05 -11.10
C PHE B 51 -23.94 -7.07 -9.86
N PHE B 52 -22.96 -7.97 -9.83
CA PHE B 52 -22.09 -8.07 -8.68
C PHE B 52 -20.81 -8.82 -9.03
N LEU B 53 -19.75 -8.56 -8.27
CA LEU B 53 -18.51 -9.31 -8.43
C LEU B 53 -18.46 -10.40 -7.35
N THR B 54 -18.61 -11.66 -7.77
CA THR B 54 -18.49 -12.74 -6.81
C THR B 54 -17.03 -12.93 -6.42
N GLN B 55 -16.82 -13.73 -5.38
CA GLN B 55 -15.49 -14.22 -5.04
C GLN B 55 -15.36 -15.70 -5.44
N GLY B 56 -16.23 -16.15 -6.32
CA GLY B 56 -16.23 -17.54 -6.77
C GLY B 56 -16.38 -18.50 -5.60
N ALA B 57 -17.12 -18.07 -4.59
CA ALA B 57 -17.29 -18.84 -3.35
C ALA B 57 -18.61 -18.47 -2.71
N LEU B 58 -19.13 -19.37 -1.86
CA LEU B 58 -20.40 -19.12 -1.19
C LEU B 58 -20.22 -18.70 0.27
N LEU B 59 -21.18 -17.93 0.78
CA LEU B 59 -21.20 -17.55 2.18
C LEU B 59 -21.25 -18.78 3.09
N ASN B 60 -20.59 -18.69 4.24
CA ASN B 60 -20.56 -19.78 5.22
C ASN B 60 -19.81 -21.02 4.75
N ASP B 61 -18.98 -20.84 3.74
CA ASP B 61 -18.10 -21.91 3.26
C ASP B 61 -16.65 -21.51 3.46
N LYS B 62 -15.77 -22.49 3.59
CA LYS B 62 -14.36 -22.24 3.82
C LYS B 62 -13.70 -21.42 2.71
N HIS B 63 -14.24 -21.48 1.50
CA HIS B 63 -13.67 -20.73 0.39
C HIS B 63 -13.97 -19.24 0.49
N SER B 64 -14.79 -18.86 1.47
CA SER B 64 -15.03 -17.45 1.76
C SER B 64 -13.89 -16.83 2.59
N ASN B 65 -12.96 -17.66 3.03
CA ASN B 65 -11.81 -17.17 3.79
C ASN B 65 -11.02 -16.16 2.96
N ASN B 66 -10.58 -15.07 3.60
CA ASN B 66 -9.73 -14.07 2.96
C ASN B 66 -10.39 -13.32 1.80
N THR B 67 -11.71 -13.24 1.81
CA THR B 67 -12.41 -12.56 0.72
C THR B 67 -12.41 -11.03 0.85
N VAL B 68 -11.69 -10.52 1.85
CA VAL B 68 -11.46 -9.08 1.90
C VAL B 68 -10.57 -8.69 0.72
N LYS B 69 -9.81 -9.67 0.21
CA LYS B 69 -8.91 -9.44 -0.92
C LYS B 69 -9.66 -8.98 -2.18
N ASP B 70 -9.12 -7.98 -2.86
CA ASP B 70 -9.82 -7.35 -3.98
C ASP B 70 -9.82 -8.10 -5.30
N ARG B 71 -8.72 -8.77 -5.62
CA ARG B 71 -8.57 -9.36 -6.95
C ARG B 71 -8.09 -10.80 -6.88
N SER B 72 -8.69 -11.66 -7.70
CA SER B 72 -8.27 -13.06 -7.81
C SER B 72 -8.77 -13.60 -9.14
N PRO B 73 -8.30 -14.78 -9.53
CA PRO B 73 -8.79 -15.39 -10.77
C PRO B 73 -10.20 -15.96 -10.61
N TYR B 74 -10.74 -15.95 -9.39
CA TYR B 74 -12.02 -16.63 -9.13
C TYR B 74 -13.18 -15.66 -9.11
N ARG B 75 -12.89 -14.36 -9.22
CA ARG B 75 -13.97 -13.38 -9.22
C ARG B 75 -14.65 -13.30 -10.59
N ALA B 76 -15.96 -13.18 -10.57
CA ALA B 76 -16.73 -13.09 -11.81
C ALA B 76 -17.85 -12.07 -11.67
N LEU B 77 -18.15 -11.38 -12.78
CA LEU B 77 -19.33 -10.54 -12.85
C LEU B 77 -20.53 -11.42 -13.16
N MET B 78 -21.55 -11.36 -12.32
CA MET B 78 -22.79 -12.08 -12.56
C MET B 78 -23.96 -11.15 -12.29
N SER B 79 -25.17 -11.59 -12.62
CA SER B 79 -26.34 -10.75 -12.37
C SER B 79 -27.56 -11.57 -11.96
N VAL B 80 -28.48 -10.92 -11.26
CA VAL B 80 -29.76 -11.51 -10.89
C VAL B 80 -30.84 -10.46 -11.09
N PRO B 81 -32.11 -10.89 -11.10
CA PRO B 81 -33.19 -9.89 -11.15
C PRO B 81 -33.14 -8.96 -9.94
N LEU B 82 -33.52 -7.71 -10.14
CA LEU B 82 -33.51 -6.71 -9.08
C LEU B 82 -34.26 -7.22 -7.84
N GLY B 83 -33.57 -7.23 -6.70
CA GLY B 83 -34.18 -7.64 -5.45
C GLY B 83 -33.86 -9.06 -5.02
N SER B 84 -33.36 -9.87 -5.95
CA SER B 84 -32.96 -11.23 -5.63
C SER B 84 -31.60 -11.26 -4.95
N SER B 85 -31.42 -12.24 -4.07
CA SER B 85 -30.11 -12.48 -3.49
C SER B 85 -29.16 -12.92 -4.61
N PRO B 86 -27.86 -12.63 -4.46
CA PRO B 86 -26.90 -13.08 -5.47
C PRO B 86 -26.61 -14.56 -5.31
N ASN B 87 -27.61 -15.40 -5.55
CA ASN B 87 -27.51 -16.81 -5.16
C ASN B 87 -26.97 -17.73 -6.24
N ALA B 88 -26.61 -18.95 -5.83
CA ALA B 88 -25.89 -19.87 -6.69
C ALA B 88 -26.70 -20.40 -7.85
N TYR B 89 -28.02 -20.28 -7.78
CA TYR B 89 -28.88 -20.96 -8.75
C TYR B 89 -29.63 -20.02 -9.70
N GLN B 90 -29.72 -18.74 -9.32
CA GLN B 90 -30.33 -17.73 -10.19
C GLN B 90 -29.27 -16.89 -10.89
N ALA B 91 -28.05 -16.87 -10.35
CA ALA B 91 -27.01 -16.00 -10.89
C ALA B 91 -26.72 -16.29 -12.36
N LYS B 92 -26.71 -15.24 -13.16
CA LYS B 92 -26.37 -15.36 -14.57
C LYS B 92 -24.92 -14.91 -14.76
N PHE B 93 -24.09 -15.77 -15.33
CA PHE B 93 -22.69 -15.43 -15.57
C PHE B 93 -22.59 -14.36 -16.66
N GLU B 94 -21.83 -13.30 -16.40
CA GLU B 94 -21.65 -12.22 -17.38
C GLU B 94 -20.21 -12.12 -17.91
N SER B 95 -19.23 -12.18 -17.02
CA SER B 95 -17.83 -12.03 -17.41
C SER B 95 -16.90 -12.49 -16.30
N VAL B 96 -15.70 -12.95 -16.65
CA VAL B 96 -14.66 -13.10 -15.64
C VAL B 96 -14.30 -11.66 -15.28
N ALA B 97 -14.17 -11.34 -14.00
CA ALA B 97 -13.99 -9.94 -13.62
C ALA B 97 -13.66 -9.71 -12.14
N TRP B 98 -12.66 -8.87 -11.89
CA TRP B 98 -12.48 -8.28 -10.57
C TRP B 98 -12.73 -6.77 -10.58
N SER B 99 -13.14 -6.26 -11.74
CA SER B 99 -13.63 -4.89 -11.88
C SER B 99 -14.53 -4.90 -13.12
N ALA B 100 -15.62 -4.14 -13.08
CA ALA B 100 -16.61 -4.27 -14.14
C ALA B 100 -17.52 -3.05 -14.31
N THR B 101 -18.20 -3.03 -15.45
CA THR B 101 -19.31 -2.13 -15.71
C THR B 101 -20.25 -2.85 -16.67
N ALA B 102 -21.53 -2.49 -16.65
CA ALA B 102 -22.48 -3.11 -17.56
C ALA B 102 -23.64 -2.16 -17.81
N CYS B 103 -24.29 -2.34 -18.95
CA CYS B 103 -25.44 -1.51 -19.33
C CYS B 103 -26.14 -2.12 -20.53
N HIS B 104 -27.29 -1.58 -20.88
CA HIS B 104 -28.11 -2.14 -21.96
C HIS B 104 -28.35 -1.05 -23.00
N ASP B 105 -28.14 -1.37 -24.27
CA ASP B 105 -28.25 -0.33 -25.30
C ASP B 105 -29.63 -0.28 -25.96
N GLY B 106 -30.55 -1.12 -25.48
CA GLY B 106 -31.88 -1.20 -26.06
C GLY B 106 -32.08 -2.50 -26.80
N LYS B 107 -31.00 -3.05 -27.34
CA LYS B 107 -31.04 -4.32 -28.04
C LYS B 107 -30.44 -5.45 -27.22
N LYS B 108 -29.26 -5.21 -26.67
CA LYS B 108 -28.53 -6.23 -25.93
C LYS B 108 -27.81 -5.69 -24.70
N TRP B 109 -27.50 -6.58 -23.77
CA TRP B 109 -26.66 -6.26 -22.63
C TRP B 109 -25.19 -6.14 -23.03
N LEU B 110 -24.53 -5.11 -22.51
CA LEU B 110 -23.11 -4.94 -22.64
C LEU B 110 -22.47 -5.14 -21.27
N ALA B 111 -21.49 -6.03 -21.18
CA ALA B 111 -20.76 -6.23 -19.94
C ALA B 111 -19.27 -6.14 -20.20
N VAL B 112 -18.59 -5.33 -19.39
CA VAL B 112 -17.15 -5.13 -19.50
C VAL B 112 -16.51 -5.66 -18.22
N GLY B 113 -15.69 -6.69 -18.34
CA GLY B 113 -15.10 -7.32 -17.16
C GLY B 113 -13.59 -7.42 -17.26
N ILE B 114 -12.90 -6.93 -16.23
CA ILE B 114 -11.45 -6.90 -16.23
C ILE B 114 -10.89 -8.01 -15.37
N SER B 115 -9.98 -8.80 -15.92
CA SER B 115 -9.27 -9.81 -15.14
C SER B 115 -7.81 -9.86 -15.58
N GLY B 116 -7.06 -10.83 -15.08
CA GLY B 116 -5.64 -10.91 -15.37
C GLY B 116 -4.78 -10.35 -14.24
N ALA B 117 -3.47 -10.37 -14.45
CA ALA B 117 -2.51 -9.87 -13.46
C ALA B 117 -2.60 -8.37 -13.30
N ASP B 118 -2.24 -7.89 -12.11
CA ASP B 118 -2.23 -6.46 -11.83
C ASP B 118 -1.43 -5.67 -12.87
N ASP B 119 -0.33 -6.25 -13.34
CA ASP B 119 0.55 -5.52 -14.25
C ASP B 119 0.30 -5.79 -15.74
N ASP B 120 -0.77 -6.52 -16.05
CA ASP B 120 -1.12 -6.79 -17.44
C ASP B 120 -2.56 -7.28 -17.55
N ALA B 121 -3.45 -6.55 -16.90
CA ALA B 121 -4.87 -6.90 -16.90
C ALA B 121 -5.49 -6.53 -18.24
N TYR B 122 -6.66 -7.09 -18.52
CA TYR B 122 -7.40 -6.67 -19.71
C TYR B 122 -8.89 -6.82 -19.51
N ALA B 123 -9.65 -5.93 -20.13
CA ALA B 123 -11.09 -6.01 -20.13
C ALA B 123 -11.56 -6.84 -21.31
N VAL B 124 -12.53 -7.71 -21.05
CA VAL B 124 -13.21 -8.41 -22.13
C VAL B 124 -14.60 -7.80 -22.22
N ILE B 125 -14.97 -7.40 -23.43
CA ILE B 125 -16.28 -6.82 -23.67
C ILE B 125 -17.19 -7.92 -24.16
N HIS B 126 -18.30 -8.11 -23.45
CA HIS B 126 -19.29 -9.12 -23.78
C HIS B 126 -20.54 -8.39 -24.27
N TYR B 127 -21.03 -8.77 -25.43
CA TYR B 127 -22.21 -8.11 -25.99
C TYR B 127 -23.24 -9.16 -26.39
N GLY B 128 -24.39 -9.14 -25.72
CA GLY B 128 -25.40 -10.16 -25.91
C GLY B 128 -24.83 -11.52 -25.58
N GLY B 129 -23.91 -11.55 -24.62
CA GLY B 129 -23.33 -12.79 -24.13
C GLY B 129 -22.19 -13.33 -24.96
N MET B 130 -21.77 -12.58 -25.98
CA MET B 130 -20.67 -13.01 -26.82
C MET B 130 -19.47 -12.09 -26.63
N PRO B 131 -18.26 -12.66 -26.55
CA PRO B 131 -17.07 -11.80 -26.41
C PRO B 131 -16.82 -11.08 -27.73
N THR B 132 -16.81 -9.76 -27.71
CA THR B 132 -16.70 -8.98 -28.96
C THR B 132 -15.38 -8.23 -29.10
N ASP B 133 -14.78 -7.81 -27.99
CA ASP B 133 -13.59 -6.97 -28.06
C ASP B 133 -12.81 -7.05 -26.74
N VAL B 134 -11.62 -6.46 -26.74
CA VAL B 134 -10.75 -6.45 -25.58
C VAL B 134 -10.14 -5.06 -25.41
N VAL B 135 -9.96 -4.65 -24.17
CA VAL B 135 -9.19 -3.43 -23.88
C VAL B 135 -8.00 -3.78 -22.99
N ARG B 136 -6.80 -3.52 -23.48
CA ARG B 136 -5.61 -3.84 -22.69
C ARG B 136 -5.24 -2.71 -21.73
N SER B 137 -4.55 -3.09 -20.66
CA SER B 137 -4.02 -2.13 -19.70
C SER B 137 -2.98 -1.28 -20.43
N TRP B 138 -3.11 0.04 -20.37
CA TRP B 138 -2.18 0.91 -21.09
C TRP B 138 -1.08 1.48 -20.20
N ARG B 139 -1.24 1.35 -18.89
CA ARG B 139 -0.21 1.79 -17.93
C ARG B 139 0.35 0.61 -17.11
N LYS B 140 -0.23 -0.57 -17.30
CA LYS B 140 0.22 -1.78 -16.62
C LYS B 140 0.15 -1.66 -15.10
N GLN B 141 -0.89 -0.98 -14.61
CA GLN B 141 -1.03 -0.76 -13.17
C GLN B 141 -2.50 -0.84 -12.72
N ILE B 142 -3.00 -2.08 -12.64
CA ILE B 142 -4.37 -2.35 -12.22
C ILE B 142 -5.42 -1.58 -13.02
N LEU B 143 -5.54 -1.91 -14.30
CA LEU B 143 -6.63 -1.42 -15.13
C LEU B 143 -7.94 -1.65 -14.37
N ARG B 144 -8.77 -0.62 -14.27
CA ARG B 144 -9.97 -0.71 -13.46
C ARG B 144 -11.06 0.23 -13.97
N THR B 145 -12.31 -0.07 -13.61
CA THR B 145 -13.41 0.72 -14.14
C THR B 145 -14.47 1.07 -13.08
N GLN B 146 -15.71 1.27 -13.51
CA GLN B 146 -16.70 1.99 -12.70
C GLN B 146 -17.26 1.25 -11.48
N GLU B 147 -17.46 -0.06 -11.62
CA GLU B 147 -18.24 -0.83 -10.64
C GLU B 147 -19.68 -0.28 -10.55
N SER B 148 -20.17 0.25 -11.66
CA SER B 148 -21.57 0.64 -11.76
C SER B 148 -21.97 0.71 -13.22
N SER B 149 -23.23 1.02 -13.48
CA SER B 149 -23.74 0.97 -14.84
C SER B 149 -23.03 1.94 -15.78
N CYS B 150 -22.73 1.47 -16.99
CA CYS B 150 -22.28 2.38 -18.03
C CYS B 150 -23.49 3.10 -18.61
N VAL B 151 -23.27 3.91 -19.64
CA VAL B 151 -24.33 4.72 -20.20
C VAL B 151 -24.42 4.50 -21.70
N CYS B 152 -25.61 4.16 -22.19
CA CYS B 152 -25.83 3.99 -23.63
C CYS B 152 -26.78 5.07 -24.14
N MET B 153 -26.40 5.71 -25.25
CA MET B 153 -27.28 6.65 -25.93
C MET B 153 -27.18 6.41 -27.42
N ASN B 154 -28.33 6.33 -28.08
CA ASN B 154 -28.38 6.23 -29.54
C ASN B 154 -27.54 5.08 -30.11
N GLY B 155 -27.43 4.00 -29.34
CA GLY B 155 -26.71 2.82 -29.80
C GLY B 155 -25.23 2.79 -29.46
N ASN B 156 -24.75 3.87 -28.85
CA ASN B 156 -23.37 3.93 -28.39
C ASN B 156 -23.31 3.82 -26.88
N CYS B 157 -22.37 3.04 -26.36
CA CYS B 157 -22.21 2.91 -24.92
C CYS B 157 -20.85 3.43 -24.45
N TYR B 158 -20.87 4.09 -23.29
CA TYR B 158 -19.71 4.82 -22.79
C TYR B 158 -19.37 4.42 -21.37
N TRP B 159 -18.07 4.35 -21.08
CA TRP B 159 -17.61 4.11 -19.71
C TRP B 159 -16.24 4.71 -19.47
N VAL B 160 -15.86 4.79 -18.19
CA VAL B 160 -14.61 5.40 -17.79
C VAL B 160 -13.70 4.37 -17.15
N MET B 161 -12.42 4.37 -17.54
CA MET B 161 -11.46 3.45 -16.97
C MET B 161 -10.24 4.21 -16.45
N THR B 162 -9.56 3.64 -15.48
CA THR B 162 -8.34 4.21 -14.91
C THR B 162 -7.22 3.18 -14.93
N ASP B 163 -6.00 3.63 -15.09
CA ASP B 163 -4.83 2.77 -15.07
C ASP B 163 -3.70 3.59 -14.48
N GLY B 164 -2.98 3.02 -13.51
CA GLY B 164 -1.95 3.78 -12.81
C GLY B 164 -2.13 3.73 -11.31
N PRO B 165 -1.31 4.51 -10.58
CA PRO B 165 -1.29 4.47 -9.11
C PRO B 165 -2.63 4.72 -8.43
N ALA B 166 -2.81 4.08 -7.28
CA ALA B 166 -4.00 4.25 -6.47
C ALA B 166 -3.95 5.54 -5.64
N ASN B 167 -2.74 6.00 -5.33
CA ASN B 167 -2.53 7.09 -4.37
C ASN B 167 -1.65 8.21 -4.91
N SER B 168 -1.58 8.34 -6.23
CA SER B 168 -0.90 9.47 -6.85
C SER B 168 -1.39 9.60 -8.28
N GLN B 169 -0.78 10.50 -9.05
CA GLN B 169 -1.27 10.77 -10.40
C GLN B 169 -1.42 9.50 -11.23
N ALA B 170 -2.60 9.29 -11.80
CA ALA B 170 -2.83 8.15 -12.67
C ALA B 170 -3.33 8.63 -14.03
N SER B 171 -3.80 7.70 -14.84
CA SER B 171 -4.30 8.01 -16.18
C SER B 171 -5.78 7.63 -16.28
N TYR B 172 -6.59 8.53 -16.85
CA TYR B 172 -8.04 8.36 -16.89
C TYR B 172 -8.53 8.45 -18.33
N LYS B 173 -9.34 7.50 -18.76
CA LYS B 173 -9.81 7.46 -20.14
C LYS B 173 -11.30 7.21 -20.25
N ILE B 174 -11.93 7.88 -21.22
CA ILE B 174 -13.31 7.63 -21.58
C ILE B 174 -13.33 6.72 -22.80
N PHE B 175 -14.21 5.73 -22.78
CA PHE B 175 -14.33 4.78 -23.88
C PHE B 175 -15.70 4.85 -24.51
N LYS B 176 -15.73 4.70 -25.84
CA LYS B 176 -16.98 4.67 -26.59
C LYS B 176 -17.05 3.34 -27.32
N SER B 177 -18.23 2.74 -27.36
CA SER B 177 -18.40 1.46 -28.04
C SER B 177 -19.71 1.44 -28.82
N HIS B 178 -19.77 0.56 -29.81
CA HIS B 178 -20.99 0.31 -30.56
C HIS B 178 -21.06 -1.18 -30.85
N GLU B 179 -22.14 -1.81 -30.41
CA GLU B 179 -22.33 -3.25 -30.57
C GLU B 179 -21.13 -4.06 -30.06
N GLY B 180 -20.59 -3.64 -28.92
CA GLY B 180 -19.55 -4.38 -28.24
C GLY B 180 -18.14 -4.12 -28.75
N MET B 181 -18.01 -3.26 -29.74
CA MET B 181 -16.69 -2.91 -30.28
C MET B 181 -16.29 -1.53 -29.79
N VAL B 182 -15.07 -1.40 -29.28
CA VAL B 182 -14.56 -0.08 -28.92
C VAL B 182 -14.32 0.74 -30.19
N THR B 183 -14.91 1.92 -30.24
CA THR B 183 -14.84 2.74 -31.46
C THR B 183 -14.13 4.08 -31.23
N ASN B 184 -13.89 4.43 -29.97
CA ASN B 184 -13.14 5.64 -29.66
C ASN B 184 -12.70 5.64 -28.21
N GLU B 185 -11.64 6.39 -27.94
CA GLU B 185 -11.20 6.60 -26.56
C GLU B 185 -10.65 8.01 -26.46
N ARG B 186 -10.67 8.57 -25.25
CA ARG B 186 -10.13 9.90 -25.03
C ARG B 186 -9.50 9.94 -23.65
N GLU B 187 -8.22 10.31 -23.59
CA GLU B 187 -7.59 10.49 -22.29
C GLU B 187 -7.99 11.83 -21.69
N VAL B 188 -8.39 11.80 -20.42
CA VAL B 188 -8.80 13.00 -19.71
C VAL B 188 -7.61 13.63 -19.01
N SER B 189 -7.30 14.88 -19.36
CA SER B 189 -6.21 15.59 -18.72
C SER B 189 -6.68 16.15 -17.39
N PHE B 190 -6.06 15.71 -16.31
CA PHE B 190 -6.53 16.04 -14.96
C PHE B 190 -5.33 16.08 -14.01
N GLN B 191 -4.39 16.98 -14.29
CA GLN B 191 -3.19 17.08 -13.47
C GLN B 191 -3.54 17.48 -12.04
N GLY B 192 -3.11 16.66 -11.08
CA GLY B 192 -3.37 16.93 -9.68
C GLY B 192 -4.67 16.31 -9.22
N GLY B 193 -5.43 15.76 -10.16
CA GLY B 193 -6.69 15.12 -9.85
C GLY B 193 -6.59 13.61 -9.97
N HIS B 194 -7.58 12.92 -9.42
CA HIS B 194 -7.60 11.46 -9.42
C HIS B 194 -9.03 11.02 -9.66
N ILE B 195 -9.22 10.12 -10.61
CA ILE B 195 -10.55 9.63 -10.96
C ILE B 195 -10.60 8.10 -10.89
N GLU B 196 -11.56 7.59 -10.14
CA GLU B 196 -11.81 6.16 -10.04
C GLU B 196 -13.29 5.92 -9.85
N GLU B 197 -13.76 4.74 -10.25
CA GLU B 197 -15.09 4.27 -9.91
C GLU B 197 -16.19 5.30 -10.17
N CYS B 198 -16.21 5.84 -11.38
CA CYS B 198 -17.21 6.84 -11.72
C CYS B 198 -18.62 6.29 -11.69
N SER B 199 -19.52 7.08 -11.10
CA SER B 199 -20.96 6.83 -11.21
C SER B 199 -21.52 7.78 -12.26
N CYS B 200 -21.95 7.23 -13.38
CA CYS B 200 -22.34 8.04 -14.53
C CYS B 200 -23.80 7.82 -14.90
N TYR B 201 -24.41 8.84 -15.50
CA TYR B 201 -25.79 8.74 -15.95
C TYR B 201 -25.98 9.68 -17.13
N PRO B 202 -26.98 9.39 -17.98
CA PRO B 202 -27.31 10.29 -19.09
C PRO B 202 -28.13 11.48 -18.61
N ASN B 203 -27.87 12.66 -19.18
CA ASN B 203 -28.65 13.85 -18.88
C ASN B 203 -28.64 14.76 -20.09
N LEU B 204 -29.77 14.82 -20.80
CA LEU B 204 -29.91 15.63 -22.00
C LEU B 204 -28.83 15.32 -23.06
N GLY B 205 -28.49 14.04 -23.19
CA GLY B 205 -27.60 13.62 -24.25
C GLY B 205 -26.13 13.74 -23.93
N LYS B 206 -25.82 14.17 -22.71
CA LYS B 206 -24.45 14.14 -22.21
C LYS B 206 -24.33 13.09 -21.13
N VAL B 207 -23.10 12.60 -20.92
CA VAL B 207 -22.85 11.70 -19.81
C VAL B 207 -22.27 12.52 -18.68
N GLU B 208 -22.92 12.45 -17.52
CA GLU B 208 -22.43 13.15 -16.34
C GLU B 208 -21.95 12.12 -15.31
N CYS B 209 -20.73 12.29 -14.81
CA CYS B 209 -20.11 11.34 -13.90
C CYS B 209 -19.67 12.01 -12.60
N VAL B 210 -19.92 11.33 -11.49
CA VAL B 210 -19.41 11.73 -10.19
C VAL B 210 -18.54 10.60 -9.68
N CYS B 211 -17.28 10.89 -9.35
CA CYS B 211 -16.31 9.83 -9.16
C CYS B 211 -15.64 9.84 -7.78
N ARG B 212 -14.59 9.03 -7.66
CA ARG B 212 -13.82 8.92 -6.42
C ARG B 212 -12.40 9.38 -6.68
N ASP B 213 -11.92 10.29 -5.84
CA ASP B 213 -10.52 10.72 -5.87
C ASP B 213 -9.82 9.98 -4.74
N ASN B 214 -8.88 9.10 -5.07
CA ASN B 214 -8.22 8.28 -4.05
C ASN B 214 -6.85 8.85 -3.68
N TRP B 215 -6.63 10.11 -4.02
CA TRP B 215 -5.35 10.76 -3.87
C TRP B 215 -5.45 11.93 -2.89
N ASN B 216 -5.57 13.15 -3.40
CA ASN B 216 -5.59 14.34 -2.55
C ASN B 216 -6.95 15.00 -2.34
N GLY B 217 -8.03 14.33 -2.77
CA GLY B 217 -9.35 14.96 -2.72
C GLY B 217 -10.37 14.26 -1.83
N MET B 218 -10.97 15.00 -0.91
CA MET B 218 -12.10 14.50 -0.14
C MET B 218 -13.39 15.02 -0.77
N ASN B 219 -13.24 15.89 -1.77
CA ASN B 219 -14.36 16.20 -2.67
C ASN B 219 -14.34 15.27 -3.88
N ARG B 220 -15.48 15.12 -4.53
CA ARG B 220 -15.61 14.17 -5.64
C ARG B 220 -15.36 14.80 -7.01
N PRO B 221 -14.53 14.15 -7.85
CA PRO B 221 -14.37 14.62 -9.22
C PRO B 221 -15.70 14.56 -9.98
N ILE B 222 -15.89 15.52 -10.87
CA ILE B 222 -17.01 15.52 -11.80
C ILE B 222 -16.45 15.49 -13.21
N LEU B 223 -16.97 14.59 -14.03
CA LEU B 223 -16.55 14.45 -15.41
C LEU B 223 -17.79 14.42 -16.30
N ILE B 224 -17.84 15.32 -17.27
CA ILE B 224 -18.97 15.42 -18.17
C ILE B 224 -18.47 15.34 -19.61
N PHE B 225 -19.06 14.49 -20.42
CA PHE B 225 -18.60 14.37 -21.81
C PHE B 225 -19.73 14.12 -22.79
N ASP B 226 -19.47 14.41 -24.06
CA ASP B 226 -20.47 14.20 -25.10
C ASP B 226 -20.08 13.07 -26.05
N GLU B 227 -20.86 12.89 -27.10
CA GLU B 227 -20.69 11.76 -28.01
C GLU B 227 -19.40 11.83 -28.82
N ASP B 228 -18.82 13.02 -28.93
CA ASP B 228 -17.53 13.21 -29.59
C ASP B 228 -16.38 13.01 -28.59
N LEU B 229 -16.73 12.65 -27.37
CA LEU B 229 -15.78 12.51 -26.26
C LEU B 229 -15.07 13.81 -25.88
N ASP B 230 -15.66 14.94 -26.26
CA ASP B 230 -15.24 16.21 -25.68
C ASP B 230 -15.71 16.23 -24.24
N TYR B 231 -14.91 16.79 -23.34
CA TYR B 231 -15.22 16.67 -21.91
C TYR B 231 -14.90 17.94 -21.11
N GLU B 232 -15.50 18.00 -19.93
CA GLU B 232 -15.16 18.97 -18.91
C GLU B 232 -14.85 18.15 -17.67
N VAL B 233 -13.81 18.53 -16.95
CA VAL B 233 -13.44 17.80 -15.74
C VAL B 233 -13.13 18.78 -14.61
N GLY B 234 -13.51 18.40 -13.39
CA GLY B 234 -13.29 19.25 -12.24
C GLY B 234 -13.76 18.53 -10.99
N TYR B 235 -14.19 19.30 -9.99
CA TYR B 235 -14.74 18.71 -8.76
C TYR B 235 -16.14 19.23 -8.50
N LEU B 236 -16.94 18.45 -7.77
CA LEU B 236 -18.25 18.88 -7.35
C LEU B 236 -18.10 20.16 -6.55
N CYS B 237 -18.72 21.23 -7.03
CA CYS B 237 -18.50 22.57 -6.49
C CYS B 237 -18.86 22.71 -5.02
N ALA B 238 -19.88 21.97 -4.59
CA ALA B 238 -20.47 22.16 -3.26
C ALA B 238 -19.45 22.27 -2.13
N GLY B 239 -19.72 23.18 -1.20
CA GLY B 239 -18.88 23.33 -0.02
C GLY B 239 -19.24 22.29 1.02
N ILE B 240 -19.75 21.16 0.55
CA ILE B 240 -20.06 20.02 1.40
C ILE B 240 -19.28 18.83 0.84
N PRO B 241 -18.32 18.29 1.61
CA PRO B 241 -17.53 17.17 1.10
C PRO B 241 -18.31 15.87 1.16
N THR B 242 -18.19 15.02 0.13
CA THR B 242 -19.01 13.80 0.10
C THR B 242 -18.23 12.49 -0.09
N ASP B 243 -16.91 12.56 -0.09
CA ASP B 243 -16.12 11.33 -0.07
C ASP B 243 -15.99 10.84 1.38
N THR B 244 -15.40 9.66 1.55
CA THR B 244 -15.03 9.15 2.86
C THR B 244 -13.68 8.48 2.71
N PRO B 245 -12.70 8.87 3.54
CA PRO B 245 -12.78 9.83 4.64
C PRO B 245 -12.85 11.31 4.20
N ARG B 246 -13.32 12.14 5.12
CA ARG B 246 -13.43 13.57 4.91
C ARG B 246 -13.38 14.26 6.28
N VAL B 247 -13.40 15.59 6.30
CA VAL B 247 -13.55 16.32 7.55
C VAL B 247 -15.00 16.77 7.70
N GLN B 248 -15.37 17.27 8.89
CA GLN B 248 -16.72 17.79 9.08
C GLN B 248 -16.94 18.99 8.17
N ASP B 249 -18.20 19.26 7.85
CA ASP B 249 -18.55 20.27 6.85
C ASP B 249 -17.96 21.63 7.17
N SER B 250 -17.95 21.99 8.45
CA SER B 250 -17.52 23.32 8.86
C SER B 250 -16.01 23.53 8.71
N SER B 251 -15.27 22.44 8.49
CA SER B 251 -13.82 22.52 8.29
C SER B 251 -13.46 22.43 6.82
N PHE B 252 -14.48 22.49 5.96
CA PHE B 252 -14.29 22.29 4.53
C PHE B 252 -14.73 23.51 3.73
N THR B 253 -13.88 23.91 2.78
CA THR B 253 -14.22 24.94 1.80
C THR B 253 -14.21 24.30 0.42
N GLY B 254 -15.31 24.45 -0.31
CA GLY B 254 -15.44 23.81 -1.61
C GLY B 254 -14.55 24.36 -2.70
N SER B 255 -14.42 23.60 -3.78
CA SER B 255 -13.74 24.06 -4.98
C SER B 255 -14.30 23.36 -6.21
N CYS B 256 -14.51 24.11 -7.28
CA CYS B 256 -14.98 23.57 -8.55
C CYS B 256 -13.83 22.96 -9.34
N THR B 257 -12.61 23.35 -9.00
CA THR B 257 -11.47 23.06 -9.84
C THR B 257 -10.37 22.20 -9.21
N ASN B 258 -10.23 22.29 -7.89
CA ASN B 258 -9.11 21.68 -7.20
C ASN B 258 -9.51 20.61 -6.21
N ALA B 259 -8.70 19.57 -6.10
CA ALA B 259 -8.85 18.59 -5.04
C ALA B 259 -8.64 19.29 -3.70
N VAL B 260 -9.58 19.10 -2.78
CA VAL B 260 -9.46 19.61 -1.43
C VAL B 260 -9.31 18.43 -0.49
N GLY B 261 -8.19 18.37 0.22
CA GLY B 261 -7.88 17.21 1.04
C GLY B 261 -7.09 17.54 2.29
N GLY B 262 -6.14 16.67 2.62
CA GLY B 262 -5.36 16.83 3.83
C GLY B 262 -6.13 16.42 5.07
N SER B 263 -5.63 16.85 6.23
CA SER B 263 -6.28 16.56 7.51
C SER B 263 -6.58 15.08 7.69
N GLY B 264 -5.67 14.23 7.20
CA GLY B 264 -5.79 12.79 7.39
C GLY B 264 -6.74 12.09 6.43
N THR B 265 -7.20 12.80 5.40
CA THR B 265 -8.18 12.23 4.48
C THR B 265 -7.57 11.73 3.17
N ASN B 266 -6.29 12.00 2.95
CA ASN B 266 -5.65 11.62 1.68
C ASN B 266 -5.50 10.11 1.51
N ASN B 267 -5.33 9.68 0.26
CA ASN B 267 -4.97 8.29 -0.08
C ASN B 267 -6.07 7.25 0.14
N TYR B 268 -7.31 7.69 0.27
CA TYR B 268 -8.41 6.75 0.31
C TYR B 268 -9.67 7.43 -0.19
N GLY B 269 -10.79 6.72 -0.12
CA GLY B 269 -12.04 7.23 -0.64
C GLY B 269 -13.03 6.08 -0.68
N VAL B 270 -14.20 6.35 -1.23
CA VAL B 270 -15.22 5.32 -1.42
C VAL B 270 -16.02 5.68 -2.66
N LYS B 271 -16.46 4.68 -3.42
CA LYS B 271 -17.30 4.96 -4.58
C LYS B 271 -18.60 5.60 -4.11
N GLY B 272 -19.00 6.67 -4.80
CA GLY B 272 -20.23 7.38 -4.46
C GLY B 272 -20.86 7.98 -5.71
N PHE B 273 -21.87 8.82 -5.50
CA PHE B 273 -22.63 9.35 -6.64
C PHE B 273 -23.23 10.71 -6.35
N GLY B 274 -23.72 11.34 -7.41
CA GLY B 274 -24.50 12.55 -7.31
C GLY B 274 -25.33 12.69 -8.58
N PHE B 275 -26.41 13.46 -8.50
CA PHE B 275 -27.25 13.76 -9.66
C PHE B 275 -27.42 15.26 -9.79
N ARG B 276 -27.04 15.80 -10.94
CA ARG B 276 -27.31 17.21 -11.23
C ARG B 276 -28.82 17.43 -11.24
N GLN B 277 -29.24 18.55 -10.67
CA GLN B 277 -30.65 18.96 -10.67
C GLN B 277 -30.68 20.43 -11.06
N GLY B 278 -30.59 20.71 -12.34
CA GLY B 278 -30.42 22.08 -12.81
C GLY B 278 -29.06 22.57 -12.35
N ASN B 279 -29.06 23.57 -11.46
CA ASN B 279 -27.82 24.05 -10.87
C ASN B 279 -27.51 23.38 -9.53
N SER B 280 -28.51 22.68 -8.99
CA SER B 280 -28.35 21.99 -7.70
C SER B 280 -27.86 20.56 -7.89
N VAL B 281 -27.71 19.83 -6.79
CA VAL B 281 -27.21 18.46 -6.85
C VAL B 281 -27.74 17.62 -5.69
N TRP B 282 -28.19 16.40 -5.99
CA TRP B 282 -28.42 15.38 -4.97
C TRP B 282 -27.12 14.60 -4.82
N ALA B 283 -26.57 14.56 -3.62
CA ALA B 283 -25.30 13.85 -3.41
C ALA B 283 -25.39 12.89 -2.23
N GLY B 284 -24.91 11.67 -2.42
CA GLY B 284 -24.89 10.70 -1.35
C GLY B 284 -23.61 10.76 -0.53
N ARG B 285 -23.68 10.33 0.72
CA ARG B 285 -22.46 10.16 1.50
C ARG B 285 -22.72 9.29 2.72
N THR B 286 -21.67 8.65 3.20
CA THR B 286 -21.74 7.94 4.47
C THR B 286 -22.06 8.98 5.54
N VAL B 287 -22.69 8.55 6.63
CA VAL B 287 -22.93 9.48 7.73
C VAL B 287 -21.62 9.77 8.48
N SER B 288 -20.85 8.72 8.75
CA SER B 288 -19.54 8.88 9.38
C SER B 288 -18.58 9.60 8.44
N ILE B 289 -17.72 10.45 9.00
CA ILE B 289 -16.72 11.13 8.17
C ILE B 289 -15.47 10.28 7.97
N SER B 290 -15.35 9.19 8.72
CA SER B 290 -14.12 8.42 8.74
C SER B 290 -14.26 6.98 8.27
N SER B 291 -15.44 6.41 8.49
CA SER B 291 -15.66 5.00 8.18
C SER B 291 -16.86 4.83 7.29
N ARG B 292 -16.98 3.64 6.70
CA ARG B 292 -18.07 3.36 5.79
C ARG B 292 -19.29 2.93 6.60
N SER B 293 -19.89 3.91 7.28
N SER B 293 -19.88 3.89 7.30
CA SER B 293 -21.03 3.67 8.15
CA SER B 293 -21.05 3.60 8.12
C SER B 293 -22.13 4.68 7.86
C SER B 293 -22.12 4.66 7.92
N GLY B 294 -23.38 4.20 7.86
CA GLY B 294 -24.51 5.07 7.61
C GLY B 294 -24.58 5.52 6.16
N PHE B 295 -25.73 6.06 5.78
CA PHE B 295 -25.86 6.64 4.46
C PHE B 295 -27.00 7.65 4.39
N GLU B 296 -26.71 8.80 3.78
CA GLU B 296 -27.67 9.88 3.64
C GLU B 296 -27.52 10.49 2.27
N ILE B 297 -28.58 11.11 1.77
CA ILE B 297 -28.51 11.84 0.51
C ILE B 297 -28.94 13.28 0.76
N LEU B 298 -28.19 14.21 0.19
CA LEU B 298 -28.39 15.63 0.44
C LEU B 298 -28.70 16.36 -0.86
N LEU B 299 -29.69 17.24 -0.82
CA LEU B 299 -29.94 18.13 -1.94
C LEU B 299 -29.28 19.45 -1.61
N ILE B 300 -28.22 19.79 -2.34
CA ILE B 300 -27.46 21.00 -2.05
C ILE B 300 -27.80 22.08 -3.07
N GLU B 301 -28.33 23.20 -2.59
CA GLU B 301 -28.80 24.28 -3.46
C GLU B 301 -27.62 24.89 -4.23
N ASP B 302 -27.72 24.86 -5.56
CA ASP B 302 -26.68 25.36 -6.45
C ASP B 302 -25.35 24.62 -6.32
N GLY B 303 -25.38 23.43 -5.72
CA GLY B 303 -24.17 22.68 -5.43
C GLY B 303 -23.38 22.18 -6.63
N TRP B 304 -23.99 22.19 -7.80
CA TRP B 304 -23.32 21.77 -9.02
C TRP B 304 -22.47 22.89 -9.62
N ILE B 305 -22.78 24.13 -9.27
CA ILE B 305 -22.15 25.27 -9.93
C ILE B 305 -21.40 26.23 -9.00
N ARG B 306 -21.63 26.12 -7.70
CA ARG B 306 -20.89 26.96 -6.76
C ARG B 306 -20.67 26.28 -5.41
N THR B 307 -19.79 26.86 -4.61
CA THR B 307 -19.34 26.26 -3.36
C THR B 307 -20.36 26.42 -2.24
N SER B 308 -21.62 26.15 -2.58
CA SER B 308 -22.73 26.29 -1.65
C SER B 308 -22.68 25.29 -0.48
N LYS B 309 -23.11 25.76 0.68
CA LYS B 309 -23.24 24.90 1.86
C LYS B 309 -24.71 24.76 2.26
N THR B 310 -25.59 25.21 1.38
CA THR B 310 -27.02 25.21 1.66
C THR B 310 -27.66 23.85 1.37
N ILE B 311 -27.99 23.13 2.43
CA ILE B 311 -28.65 21.83 2.30
C ILE B 311 -30.16 22.02 2.42
N VAL B 312 -30.87 21.84 1.31
CA VAL B 312 -32.30 22.08 1.27
C VAL B 312 -33.11 20.87 1.72
N LYS B 313 -32.61 19.67 1.41
CA LYS B 313 -33.22 18.44 1.88
C LYS B 313 -32.14 17.45 2.30
N LYS B 314 -32.44 16.65 3.32
CA LYS B 314 -31.58 15.53 3.68
C LYS B 314 -32.42 14.31 4.03
N VAL B 315 -32.07 13.17 3.46
CA VAL B 315 -32.76 11.93 3.79
C VAL B 315 -31.74 10.87 4.17
N GLU B 316 -31.95 10.24 5.33
CA GLU B 316 -31.08 9.16 5.76
C GLU B 316 -31.76 7.82 5.45
N VAL B 317 -31.03 6.91 4.83
CA VAL B 317 -31.60 5.60 4.50
C VAL B 317 -30.86 4.46 5.22
N LEU B 318 -29.84 4.84 5.99
CA LEU B 318 -29.12 3.89 6.84
C LEU B 318 -28.51 4.68 7.98
N ASN B 319 -28.78 4.28 9.22
CA ASN B 319 -28.23 5.05 10.33
C ASN B 319 -26.76 4.74 10.57
N ASN B 320 -26.10 5.56 11.40
CA ASN B 320 -24.66 5.46 11.57
C ASN B 320 -24.25 4.32 12.52
N LYS B 321 -25.21 3.50 12.93
CA LYS B 321 -24.90 2.33 13.74
C LYS B 321 -24.74 1.11 12.84
N ASN B 322 -24.82 1.32 11.54
CA ASN B 322 -24.79 0.23 10.57
C ASN B 322 -23.83 0.47 9.42
N TRP B 323 -23.25 -0.62 8.92
CA TRP B 323 -22.22 -0.53 7.89
C TRP B 323 -22.78 -0.26 6.51
N SER B 324 -22.16 0.69 5.81
CA SER B 324 -22.49 0.95 4.42
C SER B 324 -21.33 0.50 3.52
N GLY B 325 -20.98 1.32 2.55
CA GLY B 325 -20.01 0.94 1.53
C GLY B 325 -20.21 1.75 0.28
N TYR B 326 -20.00 1.14 -0.87
CA TYR B 326 -20.16 1.80 -2.16
C TYR B 326 -21.59 2.26 -2.42
N SER B 327 -21.75 3.27 -3.27
CA SER B 327 -23.06 3.64 -3.77
C SER B 327 -22.89 4.09 -5.20
N GLY B 328 -23.94 3.99 -5.99
CA GLY B 328 -23.82 4.28 -7.40
C GLY B 328 -25.12 4.70 -8.06
N ALA B 329 -24.99 5.34 -9.21
CA ALA B 329 -26.12 5.91 -9.93
C ALA B 329 -26.54 5.04 -11.11
N PHE B 330 -27.84 5.06 -11.41
CA PHE B 330 -28.35 4.54 -12.67
C PHE B 330 -29.65 5.28 -13.00
N THR B 331 -30.16 5.05 -14.20
CA THR B 331 -31.42 5.67 -14.59
C THR B 331 -32.39 4.62 -15.15
N ILE B 332 -33.68 4.92 -15.03
CA ILE B 332 -34.71 4.10 -15.64
C ILE B 332 -35.13 4.74 -16.95
N PRO B 333 -35.05 3.99 -18.06
CA PRO B 333 -35.37 4.55 -19.37
C PRO B 333 -36.87 4.78 -19.58
N ILE B 334 -37.19 5.64 -20.56
CA ILE B 334 -38.57 6.00 -20.88
C ILE B 334 -39.45 4.80 -21.21
N THR B 335 -38.84 3.74 -21.72
CA THR B 335 -39.61 2.56 -22.12
C THR B 335 -40.30 1.88 -20.95
N MET B 336 -39.79 2.10 -19.74
CA MET B 336 -40.37 1.49 -18.54
C MET B 336 -41.30 2.44 -17.79
N THR B 337 -41.08 3.74 -17.98
CA THR B 337 -41.78 4.75 -17.18
C THR B 337 -42.87 5.48 -17.95
N SER B 338 -42.71 5.58 -19.27
CA SER B 338 -43.60 6.37 -20.11
C SER B 338 -43.50 7.88 -19.83
N LYS B 339 -42.39 8.29 -19.20
CA LYS B 339 -42.18 9.71 -18.94
C LYS B 339 -41.37 10.31 -20.10
N GLN B 340 -41.12 11.62 -20.05
CA GLN B 340 -40.21 12.23 -21.02
C GLN B 340 -38.92 12.69 -20.36
N CYS B 341 -38.66 12.16 -19.17
CA CYS B 341 -37.38 12.40 -18.50
C CYS B 341 -36.87 11.08 -17.92
N LEU B 342 -35.57 11.03 -17.66
CA LEU B 342 -34.94 9.82 -17.14
C LEU B 342 -34.96 9.83 -15.62
N VAL B 343 -35.51 8.78 -15.02
CA VAL B 343 -35.62 8.71 -13.56
C VAL B 343 -34.29 8.35 -12.92
N PRO B 344 -33.81 9.21 -12.01
CA PRO B 344 -32.55 8.91 -11.30
C PRO B 344 -32.76 7.94 -10.15
N CYS B 345 -31.92 6.92 -10.07
CA CYS B 345 -31.97 5.96 -8.97
C CYS B 345 -30.56 5.75 -8.45
N PHE B 346 -30.46 5.28 -7.21
CA PHE B 346 -29.15 4.87 -6.70
C PHE B 346 -29.26 3.56 -5.94
N TRP B 347 -28.14 2.87 -5.81
CA TRP B 347 -28.06 1.70 -4.97
C TRP B 347 -27.03 1.94 -3.88
N LEU B 348 -27.14 1.17 -2.80
CA LEU B 348 -26.26 1.28 -1.66
C LEU B 348 -25.73 -0.10 -1.31
N GLU B 349 -24.41 -0.20 -1.20
CA GLU B 349 -23.76 -1.42 -0.78
C GLU B 349 -23.54 -1.38 0.72
N MET B 350 -23.90 -2.48 1.39
CA MET B 350 -23.70 -2.58 2.83
C MET B 350 -22.73 -3.72 3.13
N ILE B 351 -21.52 -3.36 3.51
CA ILE B 351 -20.43 -4.33 3.64
C ILE B 351 -20.41 -4.95 5.04
N ARG B 352 -20.29 -6.27 5.08
CA ARG B 352 -20.15 -6.98 6.35
C ARG B 352 -18.86 -7.80 6.36
N GLY B 353 -18.29 -7.98 7.53
CA GLY B 353 -17.06 -8.74 7.67
C GLY B 353 -15.85 -7.82 7.74
N LYS B 354 -14.73 -8.26 7.19
CA LYS B 354 -13.50 -7.48 7.25
C LYS B 354 -13.61 -6.23 6.37
N PRO B 355 -12.92 -5.15 6.75
CA PRO B 355 -12.02 -5.06 7.91
C PRO B 355 -12.69 -4.62 9.21
N GLU B 356 -13.91 -4.09 9.16
CA GLU B 356 -14.54 -3.54 10.35
C GLU B 356 -14.95 -4.60 11.37
N GLU B 357 -15.27 -5.79 10.88
CA GLU B 357 -15.71 -6.86 11.77
C GLU B 357 -14.69 -7.98 11.76
N ARG B 358 -13.66 -7.82 12.60
CA ARG B 358 -12.47 -8.66 12.58
C ARG B 358 -12.72 -10.12 12.92
N THR B 359 -13.80 -10.39 13.66
CA THR B 359 -14.07 -11.77 14.09
C THR B 359 -14.67 -12.63 12.98
N SER B 360 -14.87 -12.04 11.79
CA SER B 360 -15.27 -12.81 10.63
C SER B 360 -14.10 -12.98 9.66
N ILE B 361 -14.04 -14.13 8.99
CA ILE B 361 -12.92 -14.44 8.11
C ILE B 361 -13.15 -13.94 6.69
N TRP B 362 -14.36 -13.45 6.44
CA TRP B 362 -14.82 -13.13 5.10
C TRP B 362 -15.28 -11.68 5.00
N THR B 363 -15.50 -11.24 3.76
CA THR B 363 -16.11 -9.94 3.48
C THR B 363 -17.16 -10.13 2.40
N SER B 364 -18.36 -9.61 2.61
CA SER B 364 -19.36 -9.61 1.56
C SER B 364 -20.21 -8.36 1.71
N SER B 365 -21.23 -8.23 0.87
CA SER B 365 -22.17 -7.12 1.01
C SER B 365 -23.56 -7.49 0.53
N SER B 366 -24.55 -6.71 0.99
CA SER B 366 -25.90 -6.78 0.43
C SER B 366 -26.26 -5.37 -0.03
N SER B 367 -27.46 -5.20 -0.58
CA SER B 367 -27.79 -3.91 -1.15
C SER B 367 -29.21 -3.44 -0.86
N THR B 368 -29.38 -2.13 -0.93
CA THR B 368 -30.70 -1.51 -1.04
C THR B 368 -30.68 -0.61 -2.28
N VAL B 369 -31.85 -0.36 -2.84
CA VAL B 369 -31.97 0.42 -4.07
C VAL B 369 -33.12 1.40 -3.90
N PHE B 370 -32.92 2.63 -4.39
CA PHE B 370 -33.88 3.72 -4.22
C PHE B 370 -34.05 4.47 -5.53
N CYS B 371 -35.26 4.92 -5.82
CA CYS B 371 -35.50 5.71 -7.02
C CYS B 371 -36.15 7.04 -6.71
N GLY B 372 -35.78 8.06 -7.47
CA GLY B 372 -36.30 9.40 -7.26
C GLY B 372 -37.76 9.52 -7.61
N VAL B 373 -38.50 10.27 -6.80
CA VAL B 373 -39.90 10.55 -7.07
C VAL B 373 -40.16 12.04 -6.92
N SER B 374 -41.34 12.48 -7.34
CA SER B 374 -41.63 13.90 -7.45
C SER B 374 -41.99 14.56 -6.12
N SER B 375 -42.17 13.74 -5.08
CA SER B 375 -42.55 14.25 -3.77
C SER B 375 -41.52 13.84 -2.72
N GLU B 376 -41.60 14.48 -1.55
CA GLU B 376 -40.71 14.12 -0.45
C GLU B 376 -41.09 12.76 0.12
N VAL B 377 -40.07 12.00 0.53
CA VAL B 377 -40.27 10.66 1.06
C VAL B 377 -39.48 10.52 2.35
N PRO B 378 -40.11 9.94 3.39
CA PRO B 378 -39.43 9.73 4.67
C PRO B 378 -38.23 8.80 4.51
N GLY B 379 -37.24 8.95 5.37
CA GLY B 379 -36.16 7.99 5.44
C GLY B 379 -36.48 6.92 6.46
N TRP B 380 -35.54 5.99 6.63
CA TRP B 380 -35.56 4.97 7.67
C TRP B 380 -34.16 4.41 7.70
N SER B 381 -33.99 3.25 8.33
CA SER B 381 -32.70 2.59 8.28
C SER B 381 -32.90 1.15 7.84
N TRP B 382 -32.61 0.88 6.56
CA TRP B 382 -32.74 -0.48 6.04
C TRP B 382 -31.35 -1.11 6.02
N ASP B 383 -30.93 -1.65 7.16
CA ASP B 383 -29.58 -2.17 7.30
C ASP B 383 -29.46 -3.58 6.75
N ASP B 384 -28.22 -4.03 6.55
CA ASP B 384 -27.98 -5.37 6.04
C ASP B 384 -28.75 -6.40 6.83
N GLY B 385 -28.60 -6.35 8.15
CA GLY B 385 -29.39 -7.17 9.05
C GLY B 385 -28.85 -8.54 9.42
N ALA B 386 -27.71 -8.93 8.86
CA ALA B 386 -27.12 -10.23 9.20
C ALA B 386 -26.54 -10.19 10.62
N ILE B 387 -26.61 -11.32 11.30
CA ILE B 387 -26.08 -11.45 12.65
C ILE B 387 -24.74 -12.16 12.58
N LEU B 388 -23.67 -11.41 12.82
CA LEU B 388 -22.32 -11.97 12.77
C LEU B 388 -21.82 -12.19 14.19
N PRO B 389 -20.84 -13.08 14.36
CA PRO B 389 -20.17 -13.88 13.32
C PRO B 389 -21.06 -15.01 12.79
N PHE B 390 -20.65 -15.58 11.66
CA PHE B 390 -21.35 -16.71 11.04
C PHE B 390 -20.74 -18.04 11.48
N ASP B 391 -21.42 -19.14 11.16
CA ASP B 391 -20.94 -20.48 11.53
C ASP B 391 -19.48 -20.69 11.12
N ILE B 392 -19.12 -20.29 9.91
CA ILE B 392 -17.80 -20.56 9.36
C ILE B 392 -16.70 -19.83 10.15
N ASP B 393 -17.10 -18.78 10.87
CA ASP B 393 -16.17 -17.95 11.64
C ASP B 393 -15.77 -18.58 12.96
N LYS B 394 -16.46 -19.66 13.33
CA LYS B 394 -16.19 -20.33 14.59
C LYS B 394 -15.45 -21.65 14.39
#